data_4MXN
#
_entry.id   4MXN
#
_cell.length_a   56.650
_cell.length_b   62.430
_cell.length_c   67.960
_cell.angle_alpha   90.890
_cell.angle_beta   118.340
_cell.angle_gamma   100.630
#
_symmetry.space_group_name_H-M   'P 1'
#
loop_
_entity.id
_entity.type
_entity.pdbx_description
1 polymer 'Uncharacterized protein'
2 water water
#
_entity_poly.entity_id   1
_entity_poly.type   'polypeptide(L)'
_entity_poly.pdbx_seq_one_letter_code
;(MSE)GSDKIHHHHHHENLYFQGKDYQVA(MSE)FGIKSDGVTLNTRSIQRAVDYISEQGGGRLIFYVGRYLTGSIELKS
NVTIRIEEGAVLVAVPSVYDFKGVGGCNAIIYADKQKNIGIGGKGIIDGRSIAVRASVEEQLQKGHIEGNVSDYAPALIC
(MSE)EGCEDVKIEQVTLQDAANVAEIYKDCHNVTVDKVVVNAGASDRKAISISGCDGVK(MSE)TDCYFN(MSE)AGNP
LESAGTSRNLIFTNCITPDGKAVSSDQ
;
_entity_poly.pdbx_strand_id   A,B,C,D
#
# COMPACT_ATOMS: atom_id res chain seq x y z
N LYS A 20 -36.81 18.09 9.79
CA LYS A 20 -36.77 18.81 8.51
C LYS A 20 -35.33 18.99 7.99
N ASP A 21 -35.15 18.75 6.69
CA ASP A 21 -33.88 18.89 6.01
C ASP A 21 -33.80 20.28 5.41
N TYR A 22 -32.63 20.87 5.51
CA TYR A 22 -32.33 22.22 5.01
C TYR A 22 -31.19 22.16 4.01
N GLN A 23 -31.43 22.68 2.80
CA GLN A 23 -30.40 22.74 1.76
C GLN A 23 -29.48 23.91 2.06
N VAL A 24 -28.16 23.71 2.00
CA VAL A 24 -27.17 24.77 2.33
C VAL A 24 -27.34 26.05 1.47
N ALA A 25 -27.64 25.92 0.18
CA ALA A 25 -27.81 27.05 -0.75
C ALA A 25 -28.81 28.10 -0.22
N PHE A 27 -29.10 29.25 2.71
CA PHE A 27 -28.44 30.11 3.71
C PHE A 27 -27.24 30.88 3.11
N GLY A 28 -27.14 30.92 1.78
CA GLY A 28 -26.06 31.59 1.08
C GLY A 28 -24.74 30.85 1.13
N ILE A 29 -24.80 29.53 1.39
CA ILE A 29 -23.59 28.69 1.45
C ILE A 29 -23.27 28.31 0.00
N LYS A 30 -22.04 28.58 -0.46
CA LYS A 30 -21.68 28.37 -1.88
C LYS A 30 -20.72 27.24 -2.07
N SER A 31 -21.04 26.42 -3.09
CA SER A 31 -20.33 25.20 -3.50
C SER A 31 -19.29 25.44 -4.61
N ASP A 32 -18.70 26.66 -4.68
CA ASP A 32 -17.74 27.03 -5.72
C ASP A 32 -16.26 26.68 -5.35
N GLY A 33 -16.08 26.16 -4.13
CA GLY A 33 -14.76 25.83 -3.58
C GLY A 33 -13.83 26.99 -3.24
N VAL A 34 -14.26 28.26 -3.44
CA VAL A 34 -13.44 29.46 -3.19
C VAL A 34 -14.09 30.42 -2.16
N THR A 35 -15.43 30.47 -2.07
CA THR A 35 -16.16 31.30 -1.10
C THR A 35 -16.02 30.67 0.30
N LEU A 36 -15.57 31.45 1.30
CA LEU A 36 -15.41 30.94 2.67
C LEU A 36 -16.79 30.97 3.35
N ASN A 37 -17.33 29.80 3.66
CA ASN A 37 -18.70 29.64 4.13
C ASN A 37 -18.90 29.53 5.64
N THR A 38 -17.84 29.68 6.43
CA THR A 38 -17.89 29.43 7.89
C THR A 38 -19.10 30.08 8.61
N ARG A 39 -19.24 31.40 8.48
CA ARG A 39 -20.30 32.13 9.16
C ARG A 39 -21.71 31.74 8.69
N SER A 40 -21.88 31.48 7.38
CA SER A 40 -23.20 31.12 6.86
C SER A 40 -23.56 29.68 7.27
N ILE A 41 -22.57 28.77 7.31
CA ILE A 41 -22.82 27.39 7.80
C ILE A 41 -23.20 27.46 9.27
N GLN A 42 -22.43 28.25 10.08
CA GLN A 42 -22.68 28.39 11.51
C GLN A 42 -24.10 28.92 11.76
N ARG A 43 -24.50 29.96 11.00
CA ARG A 43 -25.84 30.54 11.16
C ARG A 43 -26.91 29.50 10.79
N ALA A 44 -26.67 28.69 9.74
CA ALA A 44 -27.62 27.65 9.36
C ALA A 44 -27.76 26.62 10.51
N VAL A 45 -26.62 26.20 11.10
CA VAL A 45 -26.60 25.23 12.21
C VAL A 45 -27.37 25.81 13.39
N ASP A 46 -27.10 27.09 13.76
CA ASP A 46 -27.74 27.80 14.88
C ASP A 46 -29.25 27.94 14.65
N TYR A 47 -29.65 28.35 13.43
CA TYR A 47 -31.06 28.50 13.07
C TYR A 47 -31.79 27.16 13.20
N ILE A 48 -31.22 26.07 12.61
CA ILE A 48 -31.82 24.72 12.62
C ILE A 48 -31.99 24.23 14.08
N SER A 49 -30.97 24.44 14.94
CA SER A 49 -31.06 24.08 16.36
C SER A 49 -32.19 24.87 17.07
N GLU A 50 -32.31 26.19 16.76
CA GLU A 50 -33.35 27.08 17.32
C GLU A 50 -34.77 26.59 16.93
N GLN A 51 -34.92 26.00 15.72
CA GLN A 51 -36.19 25.49 15.23
C GLN A 51 -36.57 24.12 15.83
N GLY A 52 -35.71 23.58 16.68
CA GLY A 52 -35.94 22.27 17.32
C GLY A 52 -35.15 21.14 16.71
N GLY A 53 -34.25 21.47 15.80
CA GLY A 53 -33.40 20.48 15.17
C GLY A 53 -33.75 20.11 13.75
N GLY A 54 -32.90 19.27 13.16
CA GLY A 54 -33.02 18.81 11.78
C GLY A 54 -31.67 18.58 11.15
N ARG A 55 -31.63 18.53 9.81
CA ARG A 55 -30.39 18.24 9.10
C ARG A 55 -29.99 19.33 8.13
N LEU A 56 -28.67 19.66 8.10
CA LEU A 56 -28.09 20.60 7.14
C LEU A 56 -27.46 19.77 6.03
N ILE A 57 -27.99 19.90 4.79
CA ILE A 57 -27.55 19.07 3.66
C ILE A 57 -26.65 19.79 2.69
N PHE A 58 -25.45 19.22 2.48
CA PHE A 58 -24.45 19.68 1.49
C PHE A 58 -24.60 18.70 0.35
N TYR A 59 -25.26 19.08 -0.76
CA TYR A 59 -25.58 18.07 -1.77
C TYR A 59 -24.47 17.72 -2.77
N VAL A 60 -23.76 18.71 -3.35
CA VAL A 60 -22.71 18.45 -4.35
C VAL A 60 -21.80 19.70 -4.44
N GLY A 61 -20.57 19.52 -4.91
CA GLY A 61 -19.61 20.62 -5.04
C GLY A 61 -18.64 20.70 -3.88
N ARG A 62 -17.79 21.74 -3.89
CA ARG A 62 -16.75 21.96 -2.87
C ARG A 62 -17.12 23.13 -1.97
N TYR A 63 -17.12 22.92 -0.66
CA TYR A 63 -17.53 23.95 0.29
C TYR A 63 -16.35 24.31 1.18
N LEU A 64 -15.76 25.48 0.95
CA LEU A 64 -14.64 25.98 1.73
C LEU A 64 -15.15 26.42 3.09
N THR A 65 -14.42 26.06 4.17
CA THR A 65 -14.86 26.43 5.51
C THR A 65 -13.72 26.44 6.53
N GLY A 66 -13.97 27.20 7.59
CA GLY A 66 -13.18 27.18 8.81
C GLY A 66 -13.94 26.30 9.80
N SER A 67 -13.66 26.46 11.10
CA SER A 67 -14.29 25.65 12.16
C SER A 67 -15.78 25.93 12.30
N ILE A 68 -16.56 24.85 12.29
CA ILE A 68 -18.02 24.85 12.45
C ILE A 68 -18.36 24.26 13.80
N GLU A 69 -19.19 24.95 14.59
CA GLU A 69 -19.64 24.44 15.86
C GLU A 69 -21.02 23.79 15.69
N LEU A 70 -21.06 22.46 15.80
CA LEU A 70 -22.31 21.70 15.69
C LEU A 70 -23.14 21.96 16.97
N LYS A 71 -24.46 22.11 16.82
CA LYS A 71 -25.32 22.40 17.97
C LYS A 71 -26.31 21.27 18.19
N SER A 72 -26.88 21.17 19.40
CA SER A 72 -27.84 20.13 19.77
C SER A 72 -28.97 19.97 18.77
N ASN A 73 -29.28 18.71 18.44
CA ASN A 73 -30.36 18.26 17.56
C ASN A 73 -30.11 18.56 16.08
N VAL A 74 -28.85 18.85 15.72
CA VAL A 74 -28.46 19.13 14.35
C VAL A 74 -27.55 18.02 13.84
N THR A 75 -27.80 17.57 12.61
CA THR A 75 -26.99 16.63 11.88
C THR A 75 -26.52 17.32 10.60
N ILE A 76 -25.22 17.22 10.31
CA ILE A 76 -24.66 17.75 9.08
C ILE A 76 -24.49 16.58 8.13
N ARG A 77 -25.06 16.69 6.93
CA ARG A 77 -24.91 15.65 5.92
C ARG A 77 -24.06 16.16 4.78
N ILE A 78 -22.96 15.47 4.48
CA ILE A 78 -22.07 15.79 3.36
C ILE A 78 -22.34 14.67 2.36
N GLU A 79 -23.20 14.92 1.35
CA GLU A 79 -23.61 13.84 0.47
C GLU A 79 -22.50 13.45 -0.50
N GLU A 80 -22.65 12.25 -1.14
CA GLU A 80 -21.69 11.76 -2.10
C GLU A 80 -21.49 12.81 -3.20
N GLY A 81 -20.25 13.12 -3.50
CA GLY A 81 -19.94 14.15 -4.49
C GLY A 81 -19.73 15.52 -3.87
N ALA A 82 -20.04 15.68 -2.56
CA ALA A 82 -19.81 16.94 -1.84
C ALA A 82 -18.53 16.84 -1.03
N VAL A 83 -17.78 17.94 -0.96
CA VAL A 83 -16.56 17.97 -0.16
C VAL A 83 -16.62 19.19 0.74
N LEU A 84 -16.38 19.01 2.06
CA LEU A 84 -16.22 20.10 3.03
C LEU A 84 -14.69 20.31 3.12
N VAL A 85 -14.17 21.42 2.58
CA VAL A 85 -12.71 21.59 2.51
C VAL A 85 -12.20 22.68 3.47
N ALA A 86 -11.16 22.36 4.20
CA ALA A 86 -10.51 23.28 5.12
C ALA A 86 -9.82 24.44 4.37
N VAL A 87 -10.07 25.67 4.83
CA VAL A 87 -9.37 26.86 4.34
C VAL A 87 -7.92 26.80 4.91
N PRO A 88 -6.85 27.10 4.13
CA PRO A 88 -5.47 26.96 4.68
C PRO A 88 -5.09 28.20 5.50
N SER A 89 -5.82 28.42 6.62
CA SER A 89 -5.69 29.62 7.41
C SER A 89 -5.87 29.29 8.89
N VAL A 90 -4.76 29.36 9.67
CA VAL A 90 -4.73 29.02 11.10
C VAL A 90 -5.81 29.78 11.90
N TYR A 91 -5.98 31.08 11.63
CA TYR A 91 -6.92 31.93 12.39
C TYR A 91 -8.41 31.67 12.07
N ASP A 92 -8.70 30.88 11.02
CA ASP A 92 -10.08 30.53 10.66
C ASP A 92 -10.55 29.24 11.39
N PHE A 93 -9.71 28.68 12.27
CA PHE A 93 -10.05 27.52 13.10
C PHE A 93 -10.19 27.99 14.58
N LYS A 94 -10.81 27.17 15.43
CA LYS A 94 -11.09 27.41 16.86
C LYS A 94 -9.83 27.75 17.72
N GLY A 95 -8.70 27.08 17.47
CA GLY A 95 -7.46 27.36 18.19
C GLY A 95 -7.26 26.60 19.49
N VAL A 96 -6.25 27.02 20.28
CA VAL A 96 -5.88 26.42 21.57
C VAL A 96 -7.05 26.40 22.57
N GLY A 97 -7.13 25.32 23.34
CA GLY A 97 -8.15 25.11 24.37
C GLY A 97 -9.35 24.31 23.90
N GLY A 98 -9.42 23.06 24.33
CA GLY A 98 -10.51 22.17 23.98
C GLY A 98 -10.57 21.75 22.52
N CYS A 99 -11.78 21.55 22.02
CA CYS A 99 -12.04 21.09 20.66
C CYS A 99 -11.72 22.13 19.59
N ASN A 100 -10.74 21.77 18.76
CA ASN A 100 -10.31 22.52 17.58
C ASN A 100 -10.38 21.62 16.37
N ALA A 101 -11.44 21.78 15.57
CA ALA A 101 -11.67 20.92 14.41
C ALA A 101 -12.46 21.63 13.32
N ILE A 102 -12.64 20.97 12.15
CA ILE A 102 -13.48 21.52 11.06
C ILE A 102 -14.94 21.51 11.53
N ILE A 103 -15.32 20.42 12.22
CA ILE A 103 -16.62 20.27 12.87
C ILE A 103 -16.35 19.89 14.31
N TYR A 104 -16.76 20.73 15.24
CA TYR A 104 -16.60 20.42 16.65
C TYR A 104 -17.91 20.62 17.38
N ALA A 105 -18.00 20.04 18.57
CA ALA A 105 -19.17 20.24 19.43
C ALA A 105 -18.73 20.19 20.86
N ASP A 106 -19.25 21.12 21.65
CA ASP A 106 -18.93 21.23 23.06
C ASP A 106 -20.21 21.18 23.89
N LYS A 107 -20.39 20.09 24.64
CA LYS A 107 -21.49 19.82 25.57
C LYS A 107 -22.85 19.92 24.87
N GLN A 108 -22.97 19.29 23.68
CA GLN A 108 -24.20 19.23 22.91
C GLN A 108 -24.81 17.84 23.00
N LYS A 109 -26.09 17.69 22.60
CA LYS A 109 -26.70 16.36 22.61
C LYS A 109 -27.44 16.11 21.29
N ASN A 110 -27.65 14.81 20.95
CA ASN A 110 -28.39 14.40 19.76
C ASN A 110 -27.81 15.09 18.51
N ILE A 111 -26.51 14.87 18.26
CA ILE A 111 -25.85 15.51 17.12
C ILE A 111 -25.31 14.45 16.17
N GLY A 112 -25.11 14.83 14.93
CA GLY A 112 -24.61 13.88 13.95
C GLY A 112 -23.91 14.47 12.76
N ILE A 113 -23.10 13.61 12.12
CA ILE A 113 -22.38 13.86 10.87
C ILE A 113 -22.60 12.61 10.03
N GLY A 114 -23.09 12.78 8.82
CA GLY A 114 -23.35 11.69 7.91
C GLY A 114 -23.17 12.06 6.45
N GLY A 115 -23.50 11.12 5.58
CA GLY A 115 -23.36 11.29 4.13
C GLY A 115 -22.10 10.66 3.59
N LYS A 116 -22.10 10.28 2.31
CA LYS A 116 -20.94 9.58 1.72
C LYS A 116 -19.89 10.55 1.15
N GLY A 117 -20.04 11.85 1.45
CA GLY A 117 -19.10 12.88 1.02
C GLY A 117 -17.79 12.83 1.80
N ILE A 118 -16.96 13.88 1.60
CA ILE A 118 -15.62 13.96 2.17
C ILE A 118 -15.45 15.23 3.00
N ILE A 119 -14.69 15.12 4.09
CA ILE A 119 -14.17 16.23 4.90
C ILE A 119 -12.67 16.21 4.63
N ASP A 120 -12.16 17.26 3.94
CA ASP A 120 -10.77 17.37 3.48
C ASP A 120 -10.00 18.39 4.32
N GLY A 121 -9.01 17.88 5.06
CA GLY A 121 -8.21 18.67 5.99
C GLY A 121 -7.13 19.54 5.42
N ARG A 122 -6.72 19.30 4.14
CA ARG A 122 -5.64 20.06 3.47
C ARG A 122 -4.45 20.26 4.41
N SER A 123 -4.02 19.17 5.07
CA SER A 123 -3.01 19.16 6.12
C SER A 123 -1.74 19.97 5.83
N ILE A 124 -1.10 19.80 4.66
CA ILE A 124 0.17 20.49 4.37
C ILE A 124 -0.05 22.01 4.36
N ALA A 125 -1.04 22.49 3.62
CA ALA A 125 -1.33 23.92 3.52
C ALA A 125 -1.81 24.52 4.84
N VAL A 126 -2.64 23.78 5.60
CA VAL A 126 -3.16 24.25 6.92
C VAL A 126 -1.99 24.32 7.93
N ARG A 127 -1.17 23.25 8.01
CA ARG A 127 -0.01 23.23 8.94
C ARG A 127 1.04 24.28 8.58
N ALA A 128 1.22 24.59 7.28
CA ALA A 128 2.19 25.62 6.84
C ALA A 128 1.74 27.01 7.31
N SER A 129 0.40 27.24 7.33
CA SER A 129 -0.19 28.48 7.82
C SER A 129 0.11 28.62 9.33
N VAL A 130 -0.09 27.53 10.09
CA VAL A 130 0.21 27.48 11.54
C VAL A 130 1.71 27.78 11.75
N GLU A 131 2.60 27.04 11.02
CA GLU A 131 4.07 27.15 11.09
CA GLU A 131 4.07 27.15 11.10
C GLU A 131 4.52 28.61 10.91
N GLU A 132 3.98 29.30 9.89
CA GLU A 132 4.31 30.67 9.55
C GLU A 132 4.01 31.63 10.71
N GLN A 133 2.83 31.48 11.36
CA GLN A 133 2.45 32.36 12.45
C GLN A 133 3.31 32.09 13.69
N LEU A 134 3.68 30.80 13.95
CA LEU A 134 4.58 30.43 15.05
C LEU A 134 5.98 31.05 14.85
N GLN A 135 6.53 30.94 13.61
CA GLN A 135 7.86 31.45 13.29
C GLN A 135 7.94 32.98 13.44
N LYS A 136 6.82 33.70 13.16
CA LYS A 136 6.71 35.17 13.29
C LYS A 136 6.47 35.57 14.75
N GLY A 137 6.14 34.60 15.59
CA GLY A 137 5.87 34.80 17.02
C GLY A 137 4.52 35.41 17.28
N HIS A 138 3.58 35.33 16.31
CA HIS A 138 2.22 35.86 16.43
C HIS A 138 1.35 34.95 17.31
N ILE A 139 1.77 33.68 17.42
CA ILE A 139 1.20 32.63 18.26
C ILE A 139 2.37 31.85 18.88
N GLU A 140 2.16 31.22 20.04
CA GLU A 140 3.22 30.47 20.72
C GLU A 140 2.85 29.00 20.91
N GLY A 141 3.84 28.11 20.81
CA GLY A 141 3.64 26.68 21.01
C GLY A 141 4.19 25.84 19.89
N ASN A 142 3.47 24.76 19.59
CA ASN A 142 3.81 23.82 18.52
C ASN A 142 2.67 23.79 17.53
N VAL A 143 2.91 23.26 16.33
CA VAL A 143 1.90 23.18 15.27
C VAL A 143 0.66 22.38 15.79
N SER A 144 0.90 21.31 16.59
CA SER A 144 -0.15 20.45 17.16
C SER A 144 -1.15 21.22 18.04
N ASP A 145 -0.73 22.32 18.66
CA ASP A 145 -1.60 23.15 19.51
C ASP A 145 -2.67 23.89 18.69
N TYR A 146 -2.40 24.16 17.40
CA TYR A 146 -3.31 24.93 16.55
C TYR A 146 -3.91 24.18 15.36
N ALA A 147 -3.22 23.14 14.88
CA ALA A 147 -3.70 22.38 13.73
C ALA A 147 -5.02 21.67 14.09
N PRO A 148 -6.10 21.89 13.29
CA PRO A 148 -7.38 21.31 13.66
C PRO A 148 -7.52 19.84 13.29
N ALA A 149 -8.33 19.16 14.09
CA ALA A 149 -8.78 17.82 13.80
C ALA A 149 -9.88 17.94 12.73
N LEU A 150 -10.34 16.84 12.15
CA LEU A 150 -11.47 16.95 11.21
C LEU A 150 -12.76 17.04 11.99
N ILE A 151 -12.89 16.19 13.04
CA ILE A 151 -14.02 16.12 13.96
C ILE A 151 -13.51 16.07 15.40
N CYS A 152 -14.13 16.86 16.29
CA CYS A 152 -13.79 16.86 17.71
C CYS A 152 -15.06 17.05 18.54
N GLU A 154 -16.54 17.04 22.54
CA GLU A 154 -16.19 17.03 23.97
C GLU A 154 -17.43 17.24 24.83
N GLY A 155 -17.64 16.31 25.76
CA GLY A 155 -18.76 16.36 26.71
C GLY A 155 -20.13 16.22 26.06
N CYS A 156 -20.18 15.58 24.88
CA CYS A 156 -21.40 15.42 24.13
C CYS A 156 -22.11 14.10 24.46
N GLU A 157 -23.43 14.06 24.25
CA GLU A 157 -24.24 12.86 24.49
C GLU A 157 -25.06 12.52 23.26
N ASP A 158 -25.16 11.22 22.88
CA ASP A 158 -25.92 10.73 21.72
C ASP A 158 -25.34 11.36 20.43
N VAL A 159 -24.18 10.85 20.03
CA VAL A 159 -23.43 11.33 18.86
C VAL A 159 -23.46 10.25 17.77
N LYS A 160 -23.89 10.61 16.56
CA LYS A 160 -23.98 9.66 15.47
C LYS A 160 -23.12 10.10 14.30
N ILE A 161 -22.00 9.40 14.08
CA ILE A 161 -21.08 9.68 12.96
C ILE A 161 -21.19 8.51 12.01
N GLU A 162 -21.43 8.77 10.71
CA GLU A 162 -21.51 7.68 9.74
C GLU A 162 -21.13 8.09 8.32
N GLN A 163 -20.71 7.09 7.52
CA GLN A 163 -20.49 7.07 6.06
C GLN A 163 -19.41 8.01 5.52
N VAL A 164 -19.15 9.14 6.19
CA VAL A 164 -18.21 10.16 5.69
C VAL A 164 -16.78 9.62 5.48
N THR A 165 -16.06 10.25 4.55
CA THR A 165 -14.66 10.00 4.31
C THR A 165 -13.93 11.16 4.97
N LEU A 166 -13.05 10.85 5.93
CA LEU A 166 -12.25 11.85 6.66
C LEU A 166 -10.89 11.80 6.02
N GLN A 167 -10.53 12.86 5.32
CA GLN A 167 -9.31 12.85 4.53
C GLN A 167 -8.31 13.92 4.90
N ASP A 168 -7.05 13.50 5.03
CA ASP A 168 -5.86 14.35 5.15
C ASP A 168 -6.00 15.37 6.28
N ALA A 169 -6.35 14.87 7.45
CA ALA A 169 -6.50 15.64 8.66
C ALA A 169 -5.22 16.43 8.97
N ALA A 170 -5.38 17.72 9.36
CA ALA A 170 -4.26 18.59 9.73
C ALA A 170 -3.67 18.17 11.07
N ASN A 171 -4.42 17.40 11.85
CA ASN A 171 -3.98 16.89 13.14
C ASN A 171 -4.47 15.43 13.22
N VAL A 172 -5.33 15.10 14.19
CA VAL A 172 -5.94 13.78 14.34
C VAL A 172 -7.25 13.86 13.55
N ALA A 173 -7.73 12.77 12.95
CA ALA A 173 -8.99 12.88 12.19
C ALA A 173 -10.20 13.06 13.12
N GLU A 174 -10.29 12.25 14.20
CA GLU A 174 -11.44 12.25 15.11
C GLU A 174 -11.00 12.30 16.53
N ILE A 175 -11.64 13.16 17.33
CA ILE A 175 -11.35 13.26 18.77
C ILE A 175 -12.65 13.13 19.53
N TYR A 176 -12.73 12.17 20.47
CA TYR A 176 -13.89 11.96 21.33
C TYR A 176 -13.41 12.06 22.75
N LYS A 177 -13.86 13.09 23.46
CA LYS A 177 -13.45 13.37 24.82
C LYS A 177 -14.67 13.53 25.72
N ASP A 178 -14.76 12.72 26.79
CA ASP A 178 -15.82 12.76 27.82
C ASP A 178 -17.22 12.72 27.20
N CYS A 179 -17.39 11.90 26.16
CA CYS A 179 -18.66 11.74 25.46
C CYS A 179 -19.41 10.50 25.96
N HIS A 180 -20.75 10.51 25.79
CA HIS A 180 -21.63 9.41 26.15
C HIS A 180 -22.41 8.98 24.93
N ASN A 181 -22.56 7.68 24.70
CA ASN A 181 -23.37 7.09 23.62
C ASN A 181 -22.96 7.63 22.24
N VAL A 182 -21.75 7.28 21.83
CA VAL A 182 -21.20 7.67 20.52
C VAL A 182 -21.25 6.45 19.61
N THR A 183 -21.68 6.64 18.35
CA THR A 183 -21.64 5.57 17.34
C THR A 183 -20.88 6.13 16.14
N VAL A 184 -19.95 5.34 15.59
CA VAL A 184 -19.15 5.69 14.39
C VAL A 184 -19.29 4.51 13.44
N ASP A 185 -20.05 4.69 12.37
CA ASP A 185 -20.39 3.60 11.45
C ASP A 185 -20.00 3.85 10.00
N LYS A 186 -19.32 2.89 9.34
CA LYS A 186 -18.96 2.95 7.91
C LYS A 186 -18.12 4.22 7.55
N VAL A 187 -17.28 4.67 8.49
CA VAL A 187 -16.45 5.86 8.25
C VAL A 187 -15.13 5.42 7.62
N VAL A 188 -14.61 6.20 6.69
CA VAL A 188 -13.34 5.90 6.03
C VAL A 188 -12.37 7.01 6.44
N VAL A 189 -11.19 6.64 6.98
CA VAL A 189 -10.16 7.63 7.30
C VAL A 189 -9.02 7.46 6.29
N ASN A 190 -8.79 8.49 5.44
CA ASN A 190 -7.71 8.49 4.44
C ASN A 190 -6.63 9.41 4.97
N ALA A 191 -5.46 8.84 5.28
CA ALA A 191 -4.34 9.57 5.90
C ALA A 191 -3.95 10.82 5.12
N GLY A 192 -3.99 10.74 3.79
CA GLY A 192 -3.53 11.82 2.92
C GLY A 192 -2.05 12.00 3.17
N ALA A 193 -1.64 13.20 3.60
CA ALA A 193 -0.23 13.45 3.93
C ALA A 193 0.04 13.30 5.46
N SER A 194 -0.99 12.99 6.25
CA SER A 194 -0.85 12.86 7.72
C SER A 194 -0.18 11.55 8.16
N ASP A 195 0.78 11.64 9.10
CA ASP A 195 1.41 10.46 9.71
C ASP A 195 0.89 10.29 11.15
N ARG A 196 -0.12 11.11 11.52
CA ARG A 196 -0.71 11.17 12.85
C ARG A 196 -1.80 10.11 13.04
N LYS A 197 -2.25 9.94 14.31
CA LYS A 197 -3.32 9.02 14.68
C LYS A 197 -4.62 9.43 14.02
N ALA A 198 -5.50 8.46 13.77
CA ALA A 198 -6.79 8.71 13.15
C ALA A 198 -7.83 9.05 14.20
N ILE A 199 -7.73 8.41 15.40
CA ILE A 199 -8.75 8.60 16.46
C ILE A 199 -8.10 8.70 17.82
N SER A 200 -8.54 9.72 18.60
CA SER A 200 -8.15 9.98 19.97
C SER A 200 -9.40 9.82 20.83
N ILE A 201 -9.38 8.91 21.84
CA ILE A 201 -10.53 8.67 22.73
CA ILE A 201 -10.52 8.69 22.74
C ILE A 201 -10.05 8.77 24.19
N SER A 202 -10.79 9.53 24.99
CA SER A 202 -10.50 9.69 26.43
C SER A 202 -11.79 9.96 27.18
N GLY A 203 -11.92 9.34 28.36
CA GLY A 203 -13.04 9.48 29.28
C GLY A 203 -14.45 9.27 28.73
N CYS A 204 -14.58 8.48 27.65
CA CYS A 204 -15.90 8.24 27.05
C CYS A 204 -16.63 7.09 27.74
N ASP A 205 -17.96 7.09 27.61
CA ASP A 205 -18.78 6.01 28.13
C ASP A 205 -19.78 5.61 27.06
N GLY A 206 -19.51 4.47 26.42
CA GLY A 206 -20.36 3.94 25.37
C GLY A 206 -19.94 4.49 24.02
N VAL A 207 -19.02 3.78 23.36
CA VAL A 207 -18.53 4.14 22.03
C VAL A 207 -18.59 2.87 21.21
N LYS A 208 -19.46 2.88 20.18
CA LYS A 208 -19.59 1.71 19.31
C LYS A 208 -19.10 2.09 17.93
N THR A 210 -18.22 0.60 14.20
CA THR A 210 -18.51 -0.54 13.31
C THR A 210 -18.21 -0.22 11.85
N ASP A 211 -17.57 -1.19 11.14
CA ASP A 211 -17.26 -1.13 9.70
C ASP A 211 -16.45 0.11 9.33
N CYS A 212 -15.48 0.44 10.17
CA CYS A 212 -14.63 1.59 9.88
C CYS A 212 -13.34 1.15 9.22
N TYR A 213 -12.89 1.92 8.22
CA TYR A 213 -11.67 1.61 7.47
C TYR A 213 -10.63 2.71 7.70
N PHE A 214 -9.38 2.30 8.00
CA PHE A 214 -8.25 3.23 8.20
C PHE A 214 -7.24 2.89 7.10
N ASN A 215 -7.01 3.81 6.13
CA ASN A 215 -6.16 3.47 4.98
C ASN A 215 -4.62 3.46 5.29
N ALA A 217 -1.06 2.42 7.68
CA ALA A 217 -0.52 1.12 8.08
C ALA A 217 -0.48 0.89 9.61
N GLY A 218 0.03 1.85 10.39
CA GLY A 218 0.17 1.71 11.85
C GLY A 218 -1.12 1.61 12.65
N ASN A 219 -1.04 1.70 14.00
CA ASN A 219 -2.22 1.69 14.88
C ASN A 219 -2.92 3.06 14.79
N PRO A 220 -4.19 3.08 14.32
CA PRO A 220 -4.89 4.37 14.13
C PRO A 220 -5.40 5.02 15.40
N LEU A 221 -5.50 4.23 16.45
CA LEU A 221 -6.12 4.63 17.70
C LEU A 221 -5.15 5.07 18.78
N GLU A 222 -5.45 6.21 19.37
CA GLU A 222 -4.78 6.78 20.54
C GLU A 222 -5.82 6.81 21.65
N SER A 223 -5.52 6.13 22.76
CA SER A 223 -6.46 6.09 23.88
C SER A 223 -5.76 6.46 25.19
N ALA A 224 -6.45 7.27 26.03
CA ALA A 224 -5.94 7.66 27.36
C ALA A 224 -6.16 6.53 28.38
N GLY A 225 -6.90 5.49 27.95
CA GLY A 225 -7.26 4.34 28.74
C GLY A 225 -8.23 4.67 29.87
N THR A 226 -9.05 5.72 29.69
CA THR A 226 -10.00 6.18 30.71
C THR A 226 -11.47 6.02 30.23
N SER A 227 -11.70 5.26 29.14
CA SER A 227 -13.03 5.05 28.59
C SER A 227 -13.61 3.67 28.94
N ARG A 228 -14.93 3.53 28.85
CA ARG A 228 -15.60 2.26 29.15
C ARG A 228 -16.70 2.01 28.12
N ASN A 229 -17.17 0.75 28.04
CA ASN A 229 -18.20 0.30 27.09
C ASN A 229 -17.80 0.67 25.64
N LEU A 230 -16.57 0.31 25.26
CA LEU A 230 -16.03 0.49 23.92
C LEU A 230 -16.23 -0.80 23.13
N ILE A 231 -16.88 -0.73 21.96
CA ILE A 231 -17.13 -1.91 21.13
C ILE A 231 -16.69 -1.60 19.70
N PHE A 232 -15.68 -2.32 19.24
CA PHE A 232 -15.14 -2.20 17.88
C PHE A 232 -15.50 -3.46 17.11
N THR A 233 -16.28 -3.30 16.02
CA THR A 233 -16.71 -4.43 15.17
C THR A 233 -16.25 -4.17 13.76
N ASN A 234 -15.46 -5.09 13.19
CA ASN A 234 -14.95 -5.00 11.82
C ASN A 234 -14.33 -3.59 11.51
N CYS A 235 -13.43 -3.12 12.41
CA CYS A 235 -12.69 -1.88 12.20
C CYS A 235 -11.28 -2.31 11.86
N ILE A 236 -10.84 -2.06 10.60
CA ILE A 236 -9.58 -2.61 10.11
C ILE A 236 -8.65 -1.61 9.41
N THR A 237 -7.35 -1.98 9.31
CA THR A 237 -6.30 -1.29 8.56
C THR A 237 -6.16 -2.03 7.18
N PRO A 238 -5.42 -1.50 6.16
CA PRO A 238 -5.37 -2.17 4.84
C PRO A 238 -5.00 -3.66 4.82
N ASP A 239 -4.23 -4.15 5.81
CA ASP A 239 -3.84 -5.56 5.95
C ASP A 239 -5.01 -6.43 6.44
N GLY A 240 -6.07 -5.79 6.96
CA GLY A 240 -7.25 -6.48 7.45
C GLY A 240 -7.22 -6.76 8.95
N LYS A 241 -6.15 -6.32 9.64
CA LYS A 241 -5.95 -6.47 11.08
C LYS A 241 -6.93 -5.59 11.84
N ALA A 242 -7.54 -6.15 12.89
CA ALA A 242 -8.53 -5.50 13.75
C ALA A 242 -7.97 -4.25 14.44
N VAL A 243 -8.80 -3.21 14.53
CA VAL A 243 -8.53 -1.96 15.22
C VAL A 243 -9.45 -1.95 16.45
N SER A 244 -8.87 -1.93 17.66
CA SER A 244 -9.64 -1.95 18.91
C SER A 244 -8.83 -1.45 20.10
N LYS B 20 6.05 -30.11 -13.24
CA LYS B 20 4.66 -30.36 -13.63
C LYS B 20 3.70 -29.46 -12.77
N ASP B 21 3.71 -29.56 -11.41
CA ASP B 21 2.86 -28.71 -10.56
C ASP B 21 3.60 -27.51 -9.97
N TYR B 22 3.06 -26.30 -10.15
CA TYR B 22 3.64 -25.04 -9.66
C TYR B 22 2.72 -24.36 -8.67
N GLN B 23 3.24 -24.06 -7.47
CA GLN B 23 2.49 -23.36 -6.42
C GLN B 23 2.53 -21.86 -6.73
N VAL B 24 1.41 -21.15 -6.63
CA VAL B 24 1.34 -19.72 -6.96
C VAL B 24 2.31 -18.84 -6.15
N ALA B 25 2.52 -19.14 -4.86
CA ALA B 25 3.41 -18.37 -3.98
C ALA B 25 4.82 -18.24 -4.56
N PHE B 27 5.72 -17.58 -7.50
CA PHE B 27 5.74 -16.49 -8.49
C PHE B 27 5.36 -15.13 -7.91
N GLY B 28 5.34 -15.04 -6.58
CA GLY B 28 4.96 -13.81 -5.88
C GLY B 28 3.48 -13.52 -5.90
N ILE B 29 2.65 -14.56 -6.15
CA ILE B 29 1.18 -14.40 -6.16
C ILE B 29 0.75 -14.48 -4.69
N LYS B 30 -0.01 -13.47 -4.23
CA LYS B 30 -0.40 -13.35 -2.82
CA LYS B 30 -0.39 -13.36 -2.81
C LYS B 30 -1.86 -13.64 -2.57
N SER B 31 -2.12 -14.46 -1.51
CA SER B 31 -3.46 -14.92 -1.07
C SER B 31 -4.06 -14.07 0.05
N ASP B 32 -3.71 -12.78 0.12
CA ASP B 32 -4.16 -11.85 1.16
C ASP B 32 -5.50 -11.15 0.81
N GLY B 33 -6.02 -11.42 -0.40
CA GLY B 33 -7.25 -10.82 -0.92
C GLY B 33 -7.20 -9.34 -1.30
N VAL B 34 -6.04 -8.68 -1.14
CA VAL B 34 -5.88 -7.22 -1.41
C VAL B 34 -4.77 -6.93 -2.47
N THR B 35 -3.74 -7.78 -2.58
CA THR B 35 -2.67 -7.64 -3.58
C THR B 35 -3.21 -8.00 -4.96
N LEU B 36 -3.08 -7.10 -5.98
CA LEU B 36 -3.58 -7.40 -7.33
C LEU B 36 -2.55 -8.28 -8.02
N ASN B 37 -2.94 -9.53 -8.33
CA ASN B 37 -1.99 -10.55 -8.80
C ASN B 37 -1.94 -10.77 -10.31
N THR B 38 -2.69 -10.00 -11.09
CA THR B 38 -2.83 -10.22 -12.54
C THR B 38 -1.49 -10.48 -13.29
N ARG B 39 -0.52 -9.56 -13.17
CA ARG B 39 0.76 -9.67 -13.87
C ARG B 39 1.58 -10.89 -13.41
N SER B 40 1.58 -11.20 -12.10
CA SER B 40 2.35 -12.35 -11.61
C SER B 40 1.67 -13.67 -11.99
N ILE B 41 0.33 -13.72 -12.01
CA ILE B 41 -0.40 -14.92 -12.47
C ILE B 41 -0.12 -15.12 -13.96
N GLN B 42 -0.19 -14.03 -14.76
CA GLN B 42 0.08 -14.10 -16.20
C GLN B 42 1.48 -14.62 -16.47
N ARG B 43 2.48 -14.11 -15.73
CA ARG B 43 3.86 -14.54 -15.92
C ARG B 43 3.99 -16.01 -15.54
N ALA B 44 3.28 -16.46 -14.49
CA ALA B 44 3.33 -17.86 -14.09
C ALA B 44 2.77 -18.77 -15.21
N VAL B 45 1.62 -18.40 -15.79
CA VAL B 45 0.99 -19.16 -16.88
C VAL B 45 1.95 -19.17 -18.09
N ASP B 46 2.50 -18.00 -18.47
CA ASP B 46 3.43 -17.87 -19.60
C ASP B 46 4.67 -18.72 -19.39
N TYR B 47 5.24 -18.70 -18.17
CA TYR B 47 6.43 -19.47 -17.82
C TYR B 47 6.15 -20.96 -17.93
N ILE B 48 5.03 -21.43 -17.30
CA ILE B 48 4.65 -22.85 -17.31
C ILE B 48 4.44 -23.31 -18.76
N SER B 49 3.72 -22.52 -19.61
CA SER B 49 3.52 -22.87 -21.00
C SER B 49 4.89 -23.00 -21.74
N GLU B 50 5.83 -22.05 -21.47
CA GLU B 50 7.19 -22.04 -22.04
C GLU B 50 7.97 -23.31 -21.68
N GLN B 51 7.75 -23.86 -20.46
CA GLN B 51 8.40 -25.08 -19.96
C GLN B 51 7.80 -26.37 -20.54
N GLY B 52 6.76 -26.25 -21.36
CA GLY B 52 6.10 -27.40 -21.96
C GLY B 52 4.79 -27.77 -21.30
N GLY B 53 4.31 -26.91 -20.40
CA GLY B 53 3.04 -27.12 -19.72
C GLY B 53 3.11 -27.63 -18.29
N GLY B 54 1.94 -27.71 -17.68
CA GLY B 54 1.78 -28.12 -16.29
C GLY B 54 0.58 -27.46 -15.64
N ARG B 55 0.56 -27.43 -14.31
CA ARG B 55 -0.59 -26.86 -13.60
C ARG B 55 -0.16 -25.75 -12.64
N LEU B 56 -0.95 -24.67 -12.61
CA LEU B 56 -0.75 -23.57 -11.67
C LEU B 56 -1.75 -23.77 -10.55
N ILE B 57 -1.25 -23.99 -9.31
CA ILE B 57 -2.09 -24.32 -8.16
C ILE B 57 -2.29 -23.18 -7.19
N PHE B 58 -3.58 -22.81 -6.97
CA PHE B 58 -4.01 -21.82 -6.00
C PHE B 58 -4.51 -22.58 -4.80
N TYR B 59 -3.75 -22.52 -3.69
CA TYR B 59 -4.18 -23.18 -2.46
C TYR B 59 -5.04 -22.19 -1.72
N VAL B 60 -5.69 -22.61 -0.64
CA VAL B 60 -6.58 -21.80 0.21
C VAL B 60 -6.08 -20.32 0.37
N GLY B 61 -7.03 -19.39 0.29
CA GLY B 61 -6.82 -17.95 0.41
C GLY B 61 -7.55 -17.19 -0.68
N ARG B 62 -7.58 -15.85 -0.60
CA ARG B 62 -8.29 -15.02 -1.59
C ARG B 62 -7.29 -14.38 -2.53
N TYR B 63 -7.46 -14.58 -3.84
CA TYR B 63 -6.49 -14.05 -4.81
C TYR B 63 -7.16 -13.03 -5.70
N LEU B 64 -6.85 -11.76 -5.47
CA LEU B 64 -7.39 -10.66 -6.26
C LEU B 64 -6.75 -10.65 -7.64
N THR B 65 -7.57 -10.49 -8.70
CA THR B 65 -7.02 -10.50 -10.06
C THR B 65 -7.89 -9.76 -11.07
N GLY B 66 -7.25 -9.35 -12.16
CA GLY B 66 -7.89 -8.85 -13.36
C GLY B 66 -7.91 -10.02 -14.35
N SER B 67 -8.02 -9.73 -15.65
CA SER B 67 -8.11 -10.77 -16.69
C SER B 67 -6.79 -11.52 -16.86
N ILE B 68 -6.90 -12.85 -16.84
CA ILE B 68 -5.80 -13.82 -17.02
C ILE B 68 -5.98 -14.50 -18.36
N GLU B 69 -4.92 -14.52 -19.17
CA GLU B 69 -4.93 -15.23 -20.44
C GLU B 69 -4.30 -16.63 -20.26
N LEU B 70 -5.11 -17.67 -20.33
CA LEU B 70 -4.65 -19.05 -20.22
C LEU B 70 -3.88 -19.42 -21.51
N LYS B 71 -2.80 -20.18 -21.38
CA LYS B 71 -1.95 -20.55 -22.51
C LYS B 71 -1.94 -22.05 -22.71
N SER B 72 -1.62 -22.51 -23.94
CA SER B 72 -1.59 -23.93 -24.27
C SER B 72 -0.79 -24.77 -23.27
N ASN B 73 -1.34 -25.94 -22.91
CA ASN B 73 -0.78 -26.96 -22.03
C ASN B 73 -0.76 -26.54 -20.56
N VAL B 74 -1.51 -25.49 -20.20
CA VAL B 74 -1.60 -25.01 -18.83
C VAL B 74 -3.01 -25.26 -18.28
N THR B 75 -3.08 -25.75 -17.06
CA THR B 75 -4.29 -25.94 -16.29
C THR B 75 -4.16 -25.09 -15.04
N ILE B 76 -5.20 -24.32 -14.73
CA ILE B 76 -5.25 -23.54 -13.51
C ILE B 76 -6.11 -24.32 -12.53
N ARG B 77 -5.58 -24.57 -11.33
CA ARG B 77 -6.35 -25.26 -10.29
C ARG B 77 -6.65 -24.28 -9.16
N ILE B 78 -7.93 -24.08 -8.86
CA ILE B 78 -8.39 -23.25 -7.74
C ILE B 78 -8.90 -24.26 -6.74
N GLU B 79 -8.07 -24.61 -5.73
CA GLU B 79 -8.42 -25.66 -4.78
C GLU B 79 -9.52 -25.22 -3.79
N GLU B 80 -10.13 -26.18 -3.10
CA GLU B 80 -11.18 -25.90 -2.11
C GLU B 80 -10.63 -24.94 -1.05
N GLY B 81 -11.37 -23.89 -0.74
CA GLY B 81 -10.87 -22.89 0.19
C GLY B 81 -10.18 -21.73 -0.51
N ALA B 82 -9.87 -21.86 -1.83
CA ALA B 82 -9.27 -20.79 -2.60
C ALA B 82 -10.34 -20.06 -3.38
N VAL B 83 -10.20 -18.74 -3.47
CA VAL B 83 -11.14 -17.90 -4.23
C VAL B 83 -10.32 -17.01 -5.15
N LEU B 84 -10.61 -17.05 -6.45
CA LEU B 84 -10.04 -16.16 -7.44
C LEU B 84 -11.06 -15.01 -7.53
N VAL B 85 -10.70 -13.81 -7.03
CA VAL B 85 -11.67 -12.73 -6.89
C VAL B 85 -11.39 -11.57 -7.86
N ALA B 86 -12.43 -11.16 -8.59
CA ALA B 86 -12.34 -10.05 -9.53
C ALA B 86 -12.08 -8.73 -8.83
N VAL B 87 -11.16 -7.96 -9.37
CA VAL B 87 -10.87 -6.60 -8.89
C VAL B 87 -12.04 -5.69 -9.41
N PRO B 88 -12.63 -4.77 -8.63
CA PRO B 88 -13.77 -3.96 -9.15
C PRO B 88 -13.26 -2.77 -9.98
N SER B 89 -12.59 -3.08 -11.11
CA SER B 89 -11.90 -2.08 -11.93
C SER B 89 -11.99 -2.45 -13.41
N VAL B 90 -12.78 -1.68 -14.18
CA VAL B 90 -13.03 -1.90 -15.61
C VAL B 90 -11.71 -2.00 -16.43
N TYR B 91 -10.74 -1.12 -16.14
CA TYR B 91 -9.48 -1.07 -16.90
C TYR B 91 -8.52 -2.25 -16.59
N ASP B 92 -8.83 -3.07 -15.57
CA ASP B 92 -8.02 -4.26 -15.25
C ASP B 92 -8.53 -5.52 -15.98
N PHE B 93 -9.58 -5.36 -16.81
CA PHE B 93 -10.12 -6.46 -17.62
C PHE B 93 -9.71 -6.28 -19.11
N LYS B 94 -9.82 -7.35 -19.92
CA LYS B 94 -9.44 -7.37 -21.36
C LYS B 94 -10.19 -6.28 -22.17
N GLY B 95 -11.46 -6.08 -21.90
CA GLY B 95 -12.22 -5.05 -22.60
C GLY B 95 -12.91 -5.49 -23.89
N VAL B 96 -13.39 -4.50 -24.68
CA VAL B 96 -14.10 -4.70 -25.94
C VAL B 96 -13.32 -5.58 -26.94
N GLY B 97 -14.07 -6.42 -27.64
CA GLY B 97 -13.58 -7.39 -28.61
C GLY B 97 -14.19 -8.74 -28.29
N ASN B 100 -13.43 -11.48 -23.21
CA ASN B 100 -13.24 -10.64 -22.00
C ASN B 100 -13.78 -11.35 -20.76
N ALA B 101 -12.85 -11.92 -19.96
CA ALA B 101 -13.21 -12.69 -18.79
C ALA B 101 -12.11 -12.69 -17.73
N ILE B 102 -12.38 -13.27 -16.55
CA ILE B 102 -11.39 -13.43 -15.47
CA ILE B 102 -11.38 -13.40 -15.48
C ILE B 102 -10.29 -14.37 -15.98
N ILE B 103 -10.72 -15.46 -16.66
CA ILE B 103 -9.85 -16.42 -17.31
C ILE B 103 -10.35 -16.57 -18.73
N TYR B 104 -9.51 -16.20 -19.70
CA TYR B 104 -9.88 -16.36 -21.09
C TYR B 104 -8.76 -17.06 -21.83
N ALA B 105 -9.09 -17.60 -23.02
CA ALA B 105 -8.09 -18.21 -23.88
C ALA B 105 -8.48 -18.00 -25.31
N ASP B 106 -7.50 -17.68 -26.14
CA ASP B 106 -7.70 -17.42 -27.55
C ASP B 106 -6.80 -18.31 -28.41
N LYS B 107 -7.42 -19.28 -29.11
CA LYS B 107 -6.78 -20.22 -30.04
C LYS B 107 -5.67 -21.04 -29.36
N GLN B 108 -5.95 -21.54 -28.15
CA GLN B 108 -5.03 -22.36 -27.37
C GLN B 108 -5.50 -23.82 -27.39
N LYS B 109 -4.61 -24.75 -27.07
CA LYS B 109 -4.88 -26.20 -27.08
C LYS B 109 -4.47 -26.81 -25.75
N ASN B 110 -5.19 -27.87 -25.30
CA ASN B 110 -4.87 -28.64 -24.11
C ASN B 110 -4.83 -27.72 -22.87
N ILE B 111 -5.94 -27.04 -22.59
CA ILE B 111 -6.02 -26.13 -21.46
C ILE B 111 -7.11 -26.58 -20.49
N GLY B 112 -6.97 -26.14 -19.25
CA GLY B 112 -7.95 -26.51 -18.25
C GLY B 112 -8.07 -25.59 -17.07
N ILE B 113 -9.22 -25.70 -16.40
CA ILE B 113 -9.58 -25.03 -15.17
C ILE B 113 -10.22 -26.09 -14.28
N GLY B 114 -9.68 -26.27 -13.08
CA GLY B 114 -10.20 -27.24 -12.13
C GLY B 114 -10.07 -26.79 -10.69
N GLY B 115 -10.41 -27.70 -9.78
CA GLY B 115 -10.38 -27.49 -8.34
C GLY B 115 -11.75 -27.17 -7.77
N LYS B 116 -11.96 -27.42 -6.47
CA LYS B 116 -13.27 -27.17 -5.84
C LYS B 116 -13.43 -25.74 -5.31
N GLY B 117 -12.48 -24.86 -5.66
CA GLY B 117 -12.52 -23.46 -5.29
C GLY B 117 -13.56 -22.67 -6.06
N ILE B 118 -13.50 -21.34 -5.91
CA ILE B 118 -14.48 -20.42 -6.47
C ILE B 118 -13.80 -19.36 -7.32
N ILE B 119 -14.48 -18.96 -8.39
CA ILE B 119 -14.15 -17.79 -9.23
C ILE B 119 -15.29 -16.83 -8.95
N ASP B 120 -14.98 -15.69 -8.29
CA ASP B 120 -15.97 -14.70 -7.83
C ASP B 120 -15.90 -13.43 -8.70
N GLY B 121 -17.00 -13.17 -9.40
CA GLY B 121 -17.09 -12.05 -10.34
C GLY B 121 -17.34 -10.68 -9.76
N ARG B 122 -17.78 -10.58 -8.47
CA ARG B 122 -18.09 -9.31 -7.78
C ARG B 122 -18.90 -8.37 -8.71
N SER B 123 -19.97 -8.91 -9.33
CA SER B 123 -20.75 -8.28 -10.38
C SER B 123 -21.18 -6.84 -10.10
N ILE B 124 -21.75 -6.54 -8.93
CA ILE B 124 -22.26 -5.20 -8.61
C ILE B 124 -21.11 -4.18 -8.65
N ALA B 125 -20.00 -4.45 -7.93
CA ALA B 125 -18.86 -3.55 -7.86
C ALA B 125 -18.15 -3.41 -9.21
N VAL B 126 -18.00 -4.52 -9.95
CA VAL B 126 -17.35 -4.52 -11.28
C VAL B 126 -18.21 -3.72 -12.30
N ARG B 127 -19.52 -3.98 -12.34
CA ARG B 127 -20.43 -3.25 -13.27
C ARG B 127 -20.53 -1.75 -12.91
N ALA B 128 -20.44 -1.41 -11.61
CA ALA B 128 -20.49 0.00 -11.19
C ALA B 128 -19.23 0.74 -11.68
N SER B 129 -18.08 0.05 -11.71
CA SER B 129 -16.82 0.60 -12.23
C SER B 129 -16.97 0.91 -13.72
N VAL B 130 -17.55 -0.04 -14.49
CA VAL B 130 -17.82 0.11 -15.92
C VAL B 130 -18.76 1.30 -16.12
N GLU B 131 -19.84 1.35 -15.33
CA GLU B 131 -20.91 2.36 -15.40
C GLU B 131 -20.37 3.77 -15.15
N GLU B 132 -19.47 3.93 -14.19
CA GLU B 132 -18.82 5.20 -13.85
C GLU B 132 -17.96 5.71 -15.02
N GLN B 133 -17.17 4.82 -15.67
CA GLN B 133 -16.31 5.25 -16.77
C GLN B 133 -17.15 5.62 -18.00
N LEU B 134 -18.30 4.94 -18.19
CA LEU B 134 -19.22 5.26 -19.29
C LEU B 134 -19.85 6.65 -19.08
N GLN B 135 -20.38 6.90 -17.86
CA GLN B 135 -21.03 8.16 -17.47
C GLN B 135 -20.08 9.36 -17.67
N LYS B 136 -18.77 9.13 -17.44
CA LYS B 136 -17.71 10.13 -17.58
CA LYS B 136 -17.74 10.16 -17.58
C LYS B 136 -17.33 10.35 -19.04
N GLY B 137 -17.72 9.40 -19.89
CA GLY B 137 -17.43 9.41 -21.31
C GLY B 137 -16.00 9.01 -21.62
N HIS B 138 -15.33 8.32 -20.66
CA HIS B 138 -13.94 7.85 -20.80
C HIS B 138 -13.91 6.60 -21.67
N ILE B 139 -15.04 5.89 -21.72
CA ILE B 139 -15.29 4.72 -22.56
C ILE B 139 -16.67 4.88 -23.18
N GLU B 140 -16.92 4.24 -24.34
CA GLU B 140 -18.21 4.35 -25.02
C GLU B 140 -18.88 2.99 -25.19
N GLY B 141 -20.21 2.98 -25.15
CA GLY B 141 -20.99 1.77 -25.33
C GLY B 141 -21.92 1.47 -24.19
N ASN B 142 -22.09 0.17 -23.89
CA ASN B 142 -22.94 -0.29 -22.80
C ASN B 142 -22.08 -1.06 -21.83
N VAL B 143 -22.63 -1.34 -20.62
CA VAL B 143 -21.93 -2.08 -19.58
C VAL B 143 -21.54 -3.47 -20.11
N SER B 144 -22.43 -4.13 -20.90
CA SER B 144 -22.21 -5.47 -21.48
C SER B 144 -20.97 -5.55 -22.37
N ASP B 145 -20.56 -4.43 -23.00
CA ASP B 145 -19.37 -4.40 -23.86
C ASP B 145 -18.08 -4.55 -23.04
N TYR B 146 -18.10 -4.18 -21.74
CA TYR B 146 -16.89 -4.17 -20.90
C TYR B 146 -16.92 -5.14 -19.73
N ALA B 147 -18.11 -5.46 -19.21
CA ALA B 147 -18.25 -6.35 -18.06
C ALA B 147 -17.72 -7.76 -18.41
N PRO B 148 -16.76 -8.29 -17.64
CA PRO B 148 -16.18 -9.58 -18.01
C PRO B 148 -17.01 -10.78 -17.61
N ALA B 149 -16.89 -11.83 -18.40
CA ALA B 149 -17.41 -13.15 -18.06
C ALA B 149 -16.46 -13.77 -17.03
N LEU B 150 -16.81 -14.92 -16.44
CA LEU B 150 -15.87 -15.55 -15.51
C LEU B 150 -14.86 -16.35 -16.32
N ILE B 151 -15.35 -17.08 -17.34
CA ILE B 151 -14.56 -17.91 -18.25
C ILE B 151 -15.01 -17.62 -19.67
N CYS B 152 -14.05 -17.43 -20.60
CA CYS B 152 -14.35 -17.23 -22.00
C CYS B 152 -13.28 -17.92 -22.86
N GLU B 154 -12.23 -18.93 -26.86
CA GLU B 154 -12.52 -18.71 -28.28
C GLU B 154 -11.49 -19.43 -29.15
N GLY B 155 -11.97 -20.30 -30.06
CA GLY B 155 -11.14 -21.04 -31.02
C GLY B 155 -10.20 -22.03 -30.37
N CYS B 156 -10.54 -22.50 -29.16
CA CYS B 156 -9.70 -23.43 -28.38
C CYS B 156 -10.04 -24.88 -28.67
N GLU B 157 -9.08 -25.78 -28.44
CA GLU B 157 -9.24 -27.22 -28.69
C GLU B 157 -8.78 -27.98 -27.45
N ASP B 158 -9.53 -29.04 -27.04
CA ASP B 158 -9.21 -29.89 -25.88
C ASP B 158 -9.20 -29.02 -24.61
N VAL B 159 -10.41 -28.64 -24.17
CA VAL B 159 -10.63 -27.77 -23.02
C VAL B 159 -11.29 -28.58 -21.91
N LYS B 160 -10.67 -28.58 -20.72
CA LYS B 160 -11.20 -29.34 -19.59
C LYS B 160 -11.55 -28.40 -18.43
N ILE B 161 -12.85 -28.19 -18.20
CA ILE B 161 -13.35 -27.38 -17.09
C ILE B 161 -14.00 -28.32 -16.10
N GLU B 162 -13.62 -28.25 -14.81
CA GLU B 162 -14.25 -29.14 -13.83
C GLU B 162 -14.26 -28.57 -12.41
N GLN B 163 -15.26 -29.02 -11.62
CA GLN B 163 -15.37 -28.86 -10.16
C GLN B 163 -15.56 -27.44 -9.63
N VAL B 164 -15.02 -26.42 -10.30
CA VAL B 164 -15.07 -25.03 -9.84
C VAL B 164 -16.52 -24.50 -9.65
N THR B 165 -16.64 -23.57 -8.71
CA THR B 165 -17.88 -22.82 -8.50
C THR B 165 -17.67 -21.47 -9.19
N LEU B 166 -18.57 -21.12 -10.15
CA LEU B 166 -18.55 -19.85 -10.85
C LEU B 166 -19.64 -18.97 -10.21
N GLN B 167 -19.21 -17.96 -9.46
CA GLN B 167 -20.09 -17.15 -8.66
C GLN B 167 -20.14 -15.69 -9.04
N ASP B 168 -21.38 -15.15 -9.12
CA ASP B 168 -21.68 -13.74 -9.28
C ASP B 168 -20.93 -13.09 -10.47
N ALA B 169 -21.04 -13.71 -11.65
CA ALA B 169 -20.45 -13.23 -12.90
C ALA B 169 -20.92 -11.81 -13.21
N ALA B 170 -19.98 -10.94 -13.64
CA ALA B 170 -20.26 -9.56 -14.01
C ALA B 170 -21.02 -9.51 -15.35
N ASN B 171 -20.95 -10.57 -16.13
CA ASN B 171 -21.65 -10.68 -17.39
C ASN B 171 -22.26 -12.11 -17.41
N VAL B 172 -21.88 -12.95 -18.36
CA VAL B 172 -22.29 -14.35 -18.44
C VAL B 172 -21.21 -15.13 -17.69
N ALA B 173 -21.52 -16.28 -17.08
CA ALA B 173 -20.47 -17.01 -16.36
C ALA B 173 -19.44 -17.67 -17.31
N GLU B 174 -19.91 -18.38 -18.34
CA GLU B 174 -19.06 -19.14 -19.26
C GLU B 174 -19.39 -18.85 -20.68
N ILE B 175 -18.37 -18.62 -21.50
CA ILE B 175 -18.56 -18.39 -22.93
C ILE B 175 -17.68 -19.37 -23.69
N TYR B 176 -18.27 -20.14 -24.60
CA TYR B 176 -17.54 -21.07 -25.46
C TYR B 176 -17.89 -20.70 -26.88
N LYS B 177 -16.88 -20.21 -27.62
CA LYS B 177 -17.05 -19.76 -28.99
C LYS B 177 -16.05 -20.46 -29.90
N ASP B 178 -16.54 -21.14 -30.96
CA ASP B 178 -15.74 -21.84 -31.98
C ASP B 178 -14.70 -22.78 -31.37
N CYS B 179 -15.08 -23.48 -30.29
CA CYS B 179 -14.19 -24.42 -29.61
C CYS B 179 -14.45 -25.86 -30.05
N HIS B 180 -13.45 -26.71 -29.88
CA HIS B 180 -13.54 -28.12 -30.24
C HIS B 180 -13.08 -28.97 -29.06
N ASN B 181 -13.85 -30.05 -28.76
CA ASN B 181 -13.58 -31.01 -27.69
C ASN B 181 -13.48 -30.31 -26.32
N VAL B 182 -14.62 -29.79 -25.87
CA VAL B 182 -14.73 -29.12 -24.58
C VAL B 182 -15.47 -30.08 -23.63
N THR B 183 -15.00 -30.19 -22.38
CA THR B 183 -15.68 -30.94 -21.33
C THR B 183 -15.87 -30.01 -20.15
N VAL B 184 -17.08 -30.02 -19.56
CA VAL B 184 -17.45 -29.21 -18.41
C VAL B 184 -18.09 -30.18 -17.42
N ASP B 185 -17.42 -30.46 -16.30
CA ASP B 185 -17.90 -31.48 -15.38
C ASP B 185 -17.94 -31.02 -13.95
N LYS B 186 -19.06 -31.29 -13.26
CA LYS B 186 -19.27 -30.97 -11.83
C LYS B 186 -19.06 -29.47 -11.51
N VAL B 187 -19.38 -28.59 -12.45
CA VAL B 187 -19.24 -27.14 -12.29
C VAL B 187 -20.54 -26.60 -11.71
N VAL B 188 -20.43 -25.71 -10.71
CA VAL B 188 -21.59 -25.09 -10.08
C VAL B 188 -21.62 -23.62 -10.51
N VAL B 189 -22.76 -23.13 -11.03
CA VAL B 189 -22.91 -21.71 -11.38
C VAL B 189 -23.89 -21.10 -10.35
N ASN B 190 -23.38 -20.16 -9.54
CA ASN B 190 -24.18 -19.44 -8.55
C ASN B 190 -24.37 -18.03 -9.09
N ALA B 191 -25.62 -17.68 -9.42
CA ALA B 191 -25.95 -16.39 -10.02
C ALA B 191 -25.44 -15.21 -9.21
N GLY B 192 -25.51 -15.29 -7.88
CA GLY B 192 -25.15 -14.17 -7.04
C GLY B 192 -26.16 -13.06 -7.30
N ALA B 193 -25.68 -11.90 -7.72
CA ALA B 193 -26.54 -10.76 -8.03
C ALA B 193 -26.88 -10.67 -9.54
N SER B 194 -26.31 -11.55 -10.38
CA SER B 194 -26.56 -11.54 -11.82
C SER B 194 -27.96 -12.09 -12.18
N ASP B 195 -28.63 -11.38 -13.12
CA ASP B 195 -29.93 -11.83 -13.68
C ASP B 195 -29.68 -12.33 -15.13
N ARG B 196 -28.40 -12.45 -15.49
CA ARG B 196 -27.95 -12.82 -16.83
C ARG B 196 -27.86 -14.35 -16.98
N LYS B 197 -27.70 -14.82 -18.24
CA LYS B 197 -27.52 -16.23 -18.55
C LYS B 197 -26.20 -16.71 -17.94
N ALA B 198 -26.11 -18.01 -17.69
CA ALA B 198 -24.90 -18.59 -17.14
C ALA B 198 -23.92 -18.96 -18.25
N ILE B 199 -24.43 -19.52 -19.37
CA ILE B 199 -23.58 -20.00 -20.44
C ILE B 199 -24.01 -19.49 -21.79
N SER B 200 -23.02 -19.17 -22.62
CA SER B 200 -23.16 -18.77 -24.00
C SER B 200 -22.33 -19.72 -24.88
N ILE B 201 -22.97 -20.40 -25.84
CA ILE B 201 -22.30 -21.38 -26.69
C ILE B 201 -22.61 -21.04 -28.15
N SER B 202 -21.57 -20.98 -28.99
CA SER B 202 -21.71 -20.69 -30.42
C SER B 202 -20.58 -21.33 -31.20
N GLY B 203 -20.93 -21.91 -32.35
CA GLY B 203 -20.01 -22.53 -33.31
C GLY B 203 -19.08 -23.60 -32.75
N CYS B 204 -19.46 -24.27 -31.67
CA CYS B 204 -18.60 -25.30 -31.06
C CYS B 204 -18.82 -26.66 -31.72
N ASP B 205 -17.81 -27.53 -31.59
CA ASP B 205 -17.87 -28.89 -32.10
C ASP B 205 -17.36 -29.81 -31.04
N GLY B 206 -18.29 -30.47 -30.35
CA GLY B 206 -17.96 -31.43 -29.32
C GLY B 206 -17.87 -30.74 -27.97
N VAL B 207 -19.00 -30.65 -27.28
CA VAL B 207 -19.10 -30.06 -25.95
C VAL B 207 -19.86 -31.07 -25.10
N LYS B 208 -19.18 -31.61 -24.07
CA LYS B 208 -19.81 -32.58 -23.18
C LYS B 208 -19.90 -31.95 -21.81
N THR B 210 -21.48 -32.36 -18.05
CA THR B 210 -21.96 -33.39 -17.13
C THR B 210 -21.96 -32.92 -15.67
N ASP B 211 -23.04 -33.25 -14.95
CA ASP B 211 -23.22 -32.98 -13.51
C ASP B 211 -23.04 -31.49 -13.19
N CYS B 212 -23.57 -30.62 -14.05
CA CYS B 212 -23.46 -29.20 -13.81
C CYS B 212 -24.73 -28.69 -13.17
N TYR B 213 -24.58 -27.80 -12.19
CA TYR B 213 -25.70 -27.24 -11.44
C TYR B 213 -25.79 -25.75 -11.69
N PHE B 214 -27.01 -25.27 -11.92
CA PHE B 214 -27.30 -23.84 -12.14
C PHE B 214 -28.25 -23.45 -11.03
N ASN B 215 -27.81 -22.57 -10.12
CA ASN B 215 -28.66 -22.27 -8.95
C ASN B 215 -29.88 -21.33 -9.25
N ALA B 217 -33.55 -20.53 -11.49
CA ALA B 217 -34.66 -21.20 -12.18
C ALA B 217 -34.80 -20.60 -13.59
N GLY B 218 -35.36 -21.38 -14.53
CA GLY B 218 -35.54 -20.96 -15.92
C GLY B 218 -34.51 -21.58 -16.84
N ASN B 219 -34.05 -20.83 -17.88
CA ASN B 219 -33.07 -21.38 -18.82
C ASN B 219 -31.69 -20.68 -18.67
N PRO B 220 -30.68 -21.42 -18.17
CA PRO B 220 -29.34 -20.82 -17.97
C PRO B 220 -28.48 -20.76 -19.23
N LEU B 221 -28.95 -21.37 -20.32
CA LEU B 221 -28.21 -21.50 -21.55
C LEU B 221 -28.66 -20.57 -22.65
N GLU B 222 -27.69 -19.88 -23.25
N GLU B 222 -27.69 -19.87 -23.25
CA GLU B 222 -27.84 -18.98 -24.39
CA GLU B 222 -27.85 -18.95 -24.38
C GLU B 222 -27.03 -19.59 -25.54
C GLU B 222 -27.03 -19.56 -25.54
N SER B 223 -27.71 -20.05 -26.58
CA SER B 223 -27.08 -20.70 -27.71
C SER B 223 -27.38 -19.97 -29.00
N ALA B 224 -26.36 -19.84 -29.87
CA ALA B 224 -26.53 -19.24 -31.19
C ALA B 224 -27.14 -20.25 -32.16
N GLY B 225 -27.25 -21.51 -31.71
CA GLY B 225 -27.77 -22.62 -32.49
C GLY B 225 -26.86 -23.02 -33.64
N THR B 226 -25.53 -22.77 -33.49
CA THR B 226 -24.55 -23.05 -34.53
C THR B 226 -23.52 -24.11 -34.10
N SER B 227 -23.80 -24.84 -33.00
CA SER B 227 -22.90 -25.86 -32.48
C SER B 227 -23.35 -27.29 -32.81
N ARG B 228 -22.44 -28.27 -32.69
CA ARG B 228 -22.74 -29.66 -32.97
C ARG B 228 -22.05 -30.56 -31.96
N ASN B 229 -22.51 -31.83 -31.85
CA ASN B 229 -21.97 -32.82 -30.92
C ASN B 229 -21.99 -32.29 -29.49
N LEU B 230 -23.18 -31.77 -29.08
CA LEU B 230 -23.41 -31.27 -27.74
C LEU B 230 -24.07 -32.38 -26.93
N ILE B 231 -23.48 -32.73 -25.77
CA ILE B 231 -24.05 -33.76 -24.91
C ILE B 231 -24.16 -33.22 -23.49
N PHE B 232 -25.39 -33.08 -23.01
CA PHE B 232 -25.71 -32.63 -21.66
C PHE B 232 -26.22 -33.82 -20.84
N THR B 233 -25.50 -34.18 -19.78
CA THR B 233 -25.86 -35.28 -18.89
C THR B 233 -26.01 -34.75 -17.48
N ASN B 234 -27.19 -34.94 -16.89
CA ASN B 234 -27.50 -34.52 -15.52
C ASN B 234 -27.08 -33.02 -15.26
N CYS B 235 -27.47 -32.12 -16.17
CA CYS B 235 -27.25 -30.68 -16.02
C CYS B 235 -28.59 -30.12 -15.68
N ILE B 236 -28.76 -29.65 -14.45
CA ILE B 236 -30.08 -29.24 -13.95
C ILE B 236 -30.13 -27.85 -13.30
N THR B 237 -31.35 -27.32 -13.18
CA THR B 237 -31.72 -26.08 -12.47
C THR B 237 -32.27 -26.53 -11.09
N PRO B 238 -32.49 -25.64 -10.07
CA PRO B 238 -32.94 -26.11 -8.73
C PRO B 238 -34.18 -27.01 -8.69
N ASP B 239 -35.10 -26.89 -9.67
CA ASP B 239 -36.31 -27.72 -9.77
C ASP B 239 -35.97 -29.17 -10.23
N GLY B 240 -34.77 -29.37 -10.76
CA GLY B 240 -34.31 -30.67 -11.24
C GLY B 240 -34.52 -30.89 -12.73
N LYS B 241 -35.08 -29.87 -13.42
CA LYS B 241 -35.34 -29.89 -14.86
C LYS B 241 -34.03 -29.85 -15.65
N ALA B 242 -33.95 -30.69 -16.70
CA ALA B 242 -32.78 -30.83 -17.55
C ALA B 242 -32.42 -29.54 -18.27
N VAL B 243 -31.11 -29.28 -18.36
CA VAL B 243 -30.51 -28.15 -19.05
C VAL B 243 -29.82 -28.73 -20.27
N SER B 244 -30.27 -28.36 -21.48
CA SER B 244 -29.70 -28.88 -22.72
C SER B 244 -30.05 -27.99 -23.91
N SER B 245 -29.38 -28.27 -25.03
CA SER B 245 -29.59 -27.65 -26.34
C SER B 245 -29.11 -28.64 -27.38
N ASP B 246 -29.81 -28.69 -28.52
CA ASP B 246 -29.46 -29.57 -29.64
C ASP B 246 -28.29 -28.99 -30.43
N GLN B 247 -28.29 -27.64 -30.63
CA GLN B 247 -27.27 -26.87 -31.35
C GLN B 247 -26.86 -25.63 -30.56
N GLY C 19 42.72 -11.04 24.14
CA GLY C 19 42.03 -9.83 23.70
C GLY C 19 40.54 -9.81 24.01
N LYS C 20 39.93 -8.62 23.94
CA LYS C 20 38.51 -8.44 24.23
C LYS C 20 37.62 -8.79 23.04
N ASP C 21 38.18 -8.82 21.82
CA ASP C 21 37.40 -9.10 20.62
C ASP C 21 37.47 -10.59 20.27
N TYR C 22 36.32 -11.21 20.07
CA TYR C 22 36.17 -12.62 19.70
C TYR C 22 35.54 -12.74 18.31
N GLN C 23 36.26 -13.40 17.38
CA GLN C 23 35.79 -13.63 16.01
C GLN C 23 34.79 -14.79 16.04
N VAL C 24 33.62 -14.66 15.36
CA VAL C 24 32.57 -15.72 15.40
C VAL C 24 33.04 -17.10 14.92
N ALA C 25 33.92 -17.15 13.91
CA ALA C 25 34.45 -18.41 13.35
C ALA C 25 35.07 -19.28 14.42
N PHE C 27 34.02 -19.95 17.31
CA PHE C 27 32.96 -20.70 18.04
C PHE C 27 32.13 -21.59 17.11
N GLY C 28 32.63 -21.82 15.90
CA GLY C 28 31.94 -22.64 14.92
C GLY C 28 30.73 -21.97 14.29
N ILE C 29 30.68 -20.62 14.35
CA ILE C 29 29.61 -19.82 13.75
C ILE C 29 29.95 -19.68 12.27
N LYS C 30 29.04 -20.07 11.39
CA LYS C 30 29.32 -20.10 9.95
C LYS C 30 28.47 -19.15 9.11
N SER C 31 29.14 -18.51 8.14
CA SER C 31 28.59 -17.58 7.16
C SER C 31 28.33 -18.30 5.81
N ASP C 32 27.92 -19.58 5.83
CA ASP C 32 27.77 -20.42 4.62
C ASP C 32 26.42 -20.40 3.88
N GLY C 33 25.48 -19.57 4.28
CA GLY C 33 24.18 -19.53 3.62
C GLY C 33 23.22 -20.63 4.03
N VAL C 34 23.64 -21.52 4.99
CA VAL C 34 22.74 -22.60 5.34
C VAL C 34 22.76 -22.99 6.84
N THR C 35 23.90 -22.93 7.53
CA THR C 35 24.02 -23.31 8.94
C THR C 35 23.24 -22.34 9.86
N LEU C 36 22.39 -22.90 10.72
CA LEU C 36 21.63 -22.17 11.74
C LEU C 36 22.56 -22.02 12.94
N ASN C 37 22.95 -20.79 13.24
CA ASN C 37 24.00 -20.51 14.22
C ASN C 37 23.53 -20.16 15.62
N THR C 38 22.22 -20.20 15.90
CA THR C 38 21.68 -19.75 17.17
C THR C 38 22.43 -20.27 18.43
N ARG C 39 22.57 -21.59 18.58
CA ARG C 39 23.20 -22.18 19.76
C ARG C 39 24.69 -21.81 19.88
N SER C 40 25.44 -21.74 18.75
CA SER C 40 26.85 -21.40 18.80
C SER C 40 27.02 -19.90 19.11
N ILE C 41 26.13 -19.03 18.58
CA ILE C 41 26.18 -17.60 18.90
C ILE C 41 25.88 -17.42 20.40
N GLN C 42 24.83 -18.10 20.89
CA GLN C 42 24.45 -18.04 22.29
C GLN C 42 25.58 -18.46 23.20
N ARG C 43 26.25 -19.58 22.86
CA ARG C 43 27.38 -20.07 23.67
CA ARG C 43 27.38 -20.07 23.66
C ARG C 43 28.53 -19.05 23.63
N ALA C 44 28.79 -18.43 22.47
CA ALA C 44 29.83 -17.40 22.34
C ALA C 44 29.52 -16.19 23.27
N VAL C 45 28.30 -15.65 23.23
CA VAL C 45 27.79 -14.55 24.10
C VAL C 45 27.98 -14.94 25.59
N ASP C 46 27.53 -16.18 25.97
CA ASP C 46 27.61 -16.68 27.34
C ASP C 46 29.07 -16.80 27.78
N TYR C 47 29.94 -17.37 26.92
CA TYR C 47 31.37 -17.54 27.20
C TYR C 47 32.03 -16.17 27.40
N ILE C 48 31.77 -15.21 26.51
CA ILE C 48 32.35 -13.86 26.61
C ILE C 48 31.89 -13.19 27.93
N SER C 49 30.60 -13.30 28.29
CA SER C 49 30.11 -12.73 29.56
C SER C 49 30.85 -13.37 30.76
N GLU C 50 31.03 -14.72 30.72
CA GLU C 50 31.78 -15.49 31.74
C GLU C 50 33.24 -15.00 31.86
N GLN C 51 33.84 -14.58 30.72
CA GLN C 51 35.24 -14.14 30.68
C GLN C 51 35.40 -12.66 31.10
N GLY C 52 34.32 -12.03 31.56
CA GLY C 52 34.32 -10.66 32.06
C GLY C 52 33.86 -9.64 31.05
N GLY C 53 33.36 -10.13 29.91
CA GLY C 53 32.87 -9.26 28.86
C GLY C 53 33.82 -9.06 27.68
N GLY C 54 33.29 -8.41 26.66
CA GLY C 54 34.01 -8.15 25.43
C GLY C 54 33.06 -8.06 24.27
N ARG C 55 33.58 -8.26 23.05
CA ARG C 55 32.77 -8.12 21.87
C ARG C 55 32.80 -9.36 20.98
N LEU C 56 31.63 -9.73 20.46
CA LEU C 56 31.50 -10.83 19.50
C LEU C 56 31.42 -10.20 18.11
N ILE C 57 32.39 -10.51 17.23
CA ILE C 57 32.52 -9.86 15.91
C ILE C 57 32.10 -10.76 14.75
N PHE C 58 31.12 -10.28 13.96
CA PHE C 58 30.64 -10.92 12.72
C PHE C 58 31.32 -10.15 11.60
N TYR C 59 32.31 -10.74 10.96
CA TYR C 59 33.15 -10.07 9.96
C TYR C 59 32.49 -9.80 8.59
N VAL C 60 32.12 -10.88 7.86
CA VAL C 60 31.58 -10.73 6.51
C VAL C 60 30.67 -11.93 6.20
N GLY C 61 29.66 -11.68 5.39
CA GLY C 61 28.71 -12.68 4.94
C GLY C 61 27.42 -12.67 5.73
N ARG C 62 26.49 -13.55 5.33
CA ARG C 62 25.16 -13.75 5.90
C ARG C 62 25.21 -14.91 6.91
N TYR C 63 24.78 -14.64 8.15
CA TYR C 63 24.76 -15.57 9.29
C TYR C 63 23.34 -15.83 9.70
N LEU C 64 22.87 -17.06 9.43
CA LEU C 64 21.51 -17.47 9.77
C LEU C 64 21.37 -17.64 11.26
N THR C 65 20.28 -17.12 11.86
CA THR C 65 20.07 -17.25 13.30
C THR C 65 18.61 -17.16 13.70
N GLY C 66 18.33 -17.72 14.87
CA GLY C 66 17.10 -17.55 15.62
C GLY C 66 17.37 -16.51 16.69
N SER C 67 16.57 -16.50 17.76
CA SER C 67 16.68 -15.52 18.84
C SER C 67 17.95 -15.71 19.67
N ILE C 68 18.69 -14.61 19.83
CA ILE C 68 19.94 -14.53 20.61
C ILE C 68 19.68 -13.74 21.87
N GLU C 69 20.10 -14.27 23.01
CA GLU C 69 19.98 -13.56 24.28
C GLU C 69 21.31 -12.90 24.62
N LEU C 70 21.34 -11.57 24.52
CA LEU C 70 22.53 -10.77 24.88
C LEU C 70 22.72 -10.81 26.41
N LYS C 71 23.97 -10.90 26.88
CA LYS C 71 24.27 -10.98 28.31
C LYS C 71 25.10 -9.80 28.74
N SER C 72 25.13 -9.53 30.07
CA SER C 72 25.87 -8.42 30.63
C SER C 72 27.33 -8.38 30.19
N ASN C 73 27.80 -7.19 29.80
CA ASN C 73 29.18 -6.83 29.42
C ASN C 73 29.55 -7.35 28.04
N VAL C 74 28.54 -7.74 27.24
CA VAL C 74 28.76 -8.25 25.87
C VAL C 74 28.20 -7.27 24.86
N THR C 75 28.95 -7.04 23.80
CA THR C 75 28.56 -6.26 22.64
C THR C 75 28.66 -7.16 21.43
N ILE C 76 27.62 -7.16 20.59
CA ILE C 76 27.62 -7.88 19.33
C ILE C 76 27.92 -6.87 18.23
N ARG C 77 28.97 -7.12 17.43
CA ARG C 77 29.30 -6.25 16.32
C ARG C 77 29.01 -6.97 15.00
N ILE C 78 28.18 -6.38 14.17
CA ILE C 78 27.88 -6.87 12.82
C ILE C 78 28.58 -5.90 11.88
N GLU C 79 29.77 -6.26 11.40
CA GLU C 79 30.56 -5.32 10.62
C GLU C 79 30.00 -5.11 9.21
N GLU C 80 30.44 -4.05 8.55
CA GLU C 80 30.01 -3.72 7.20
C GLU C 80 30.27 -4.91 6.29
N GLY C 81 29.28 -5.28 5.52
CA GLY C 81 29.40 -6.46 4.67
C GLY C 81 28.87 -7.73 5.32
N ALA C 82 28.60 -7.70 6.66
CA ALA C 82 28.02 -8.84 7.38
C ALA C 82 26.52 -8.63 7.57
N VAL C 83 25.77 -9.74 7.62
CA VAL C 83 24.31 -9.71 7.79
C VAL C 83 23.93 -10.79 8.78
N LEU C 84 23.17 -10.41 9.79
CA LEU C 84 22.59 -11.34 10.74
C LEU C 84 21.19 -11.59 10.20
N VAL C 85 20.94 -12.82 9.67
CA VAL C 85 19.69 -13.08 8.95
C VAL C 85 18.76 -14.02 9.74
N ALA C 86 17.51 -13.56 9.91
CA ALA C 86 16.47 -14.33 10.59
C ALA C 86 16.16 -15.61 9.82
N VAL C 87 16.06 -16.73 10.55
CA VAL C 87 15.65 -18.00 9.95
C VAL C 87 14.10 -17.93 9.77
N PRO C 88 13.50 -18.36 8.64
CA PRO C 88 12.03 -18.24 8.50
C PRO C 88 11.30 -19.36 9.23
N SER C 89 11.41 -19.38 10.56
CA SER C 89 10.94 -20.46 11.43
C SER C 89 10.47 -19.90 12.77
N VAL C 90 9.15 -19.89 13.00
CA VAL C 90 8.51 -19.34 14.22
C VAL C 90 9.10 -19.96 15.52
N TYR C 91 9.33 -21.28 15.52
CA TYR C 91 9.80 -21.99 16.71
C TYR C 91 11.29 -21.74 17.04
N ASP C 92 12.03 -21.08 16.14
CA ASP C 92 13.42 -20.72 16.37
C ASP C 92 13.55 -19.33 17.05
N PHE C 93 12.40 -18.71 17.41
CA PHE C 93 12.37 -17.43 18.13
C PHE C 93 11.86 -17.64 19.57
N LYS C 94 12.14 -16.68 20.48
CA LYS C 94 11.75 -16.72 21.91
C LYS C 94 10.22 -16.94 22.12
N GLY C 95 9.38 -16.30 21.31
CA GLY C 95 7.93 -16.44 21.38
C GLY C 95 7.20 -15.52 22.36
N VAL C 96 5.92 -15.83 22.64
CA VAL C 96 5.03 -15.07 23.54
C VAL C 96 5.63 -14.88 24.95
N GLY C 97 5.39 -13.69 25.50
CA GLY C 97 5.82 -13.32 26.85
C GLY C 97 7.12 -12.54 26.89
N GLY C 98 7.01 -11.26 27.20
CA GLY C 98 8.15 -10.35 27.29
C GLY C 98 8.89 -10.17 25.97
N CYS C 99 10.22 -10.21 26.06
CA CYS C 99 11.14 -10.03 24.93
C CYS C 99 11.11 -11.19 23.91
N ASN C 100 10.74 -10.87 22.64
CA ASN C 100 10.76 -11.77 21.47
C ASN C 100 11.40 -11.05 20.28
N ALA C 101 12.71 -11.28 20.07
CA ALA C 101 13.47 -10.60 19.02
C ALA C 101 14.65 -11.41 18.53
N ILE C 102 15.35 -10.93 17.47
CA ILE C 102 16.56 -11.60 16.95
C ILE C 102 17.66 -11.46 17.99
N ILE C 103 17.73 -10.27 18.61
CA ILE C 103 18.64 -9.99 19.73
C ILE C 103 17.77 -9.41 20.84
N TYR C 104 17.72 -10.09 21.97
CA TYR C 104 16.97 -9.59 23.11
C TYR C 104 17.85 -9.64 24.36
N ALA C 105 17.44 -8.88 25.39
CA ALA C 105 18.14 -8.90 26.67
C ALA C 105 17.13 -8.64 27.76
N ASP C 106 17.26 -9.38 28.85
CA ASP C 106 16.36 -9.28 29.99
C ASP C 106 17.16 -9.04 31.27
N LYS C 107 17.03 -7.81 31.82
CA LYS C 107 17.66 -7.35 33.06
C LYS C 107 19.20 -7.48 33.02
N GLN C 108 19.81 -7.08 31.92
CA GLN C 108 21.26 -7.10 31.71
C GLN C 108 21.82 -5.69 31.82
N LYS C 109 23.13 -5.57 32.04
CA LYS C 109 23.80 -4.27 32.18
CA LYS C 109 23.76 -4.26 32.12
C LYS C 109 25.03 -4.21 31.28
N ASN C 110 25.37 -3.01 30.77
CA ASN C 110 26.56 -2.77 29.95
C ASN C 110 26.56 -3.65 28.71
N ILE C 111 25.52 -3.53 27.90
CA ILE C 111 25.37 -4.34 26.68
C ILE C 111 25.34 -3.46 25.45
N GLY C 112 25.67 -4.04 24.32
CA GLY C 112 25.67 -3.27 23.08
C GLY C 112 25.51 -4.06 21.81
N ILE C 113 25.11 -3.34 20.76
CA ILE C 113 24.98 -3.80 19.38
C ILE C 113 25.59 -2.69 18.53
N GLY C 114 26.57 -3.04 17.71
CA GLY C 114 27.24 -2.09 16.84
C GLY C 114 27.67 -2.69 15.51
N GLY C 115 28.35 -1.88 14.73
CA GLY C 115 28.86 -2.27 13.42
C GLY C 115 27.97 -1.76 12.31
N LYS C 116 28.54 -1.57 11.12
CA LYS C 116 27.80 -1.00 10.00
C LYS C 116 27.06 -2.05 9.18
N GLY C 117 27.01 -3.29 9.68
CA GLY C 117 26.30 -4.38 9.03
C GLY C 117 24.78 -4.29 9.18
N ILE C 118 24.09 -5.36 8.78
CA ILE C 118 22.63 -5.41 8.74
C ILE C 118 22.09 -6.54 9.63
N ILE C 119 20.93 -6.30 10.27
CA ILE C 119 20.10 -7.30 10.94
C ILE C 119 18.87 -7.38 10.04
N ASP C 120 18.69 -8.53 9.35
CA ASP C 120 17.64 -8.75 8.34
C ASP C 120 16.53 -9.65 8.91
N GLY C 121 15.34 -9.07 9.04
CA GLY C 121 14.20 -9.74 9.63
C GLY C 121 13.45 -10.72 8.75
N ARG C 122 13.70 -10.72 7.43
CA ARG C 122 13.02 -11.61 6.45
C ARG C 122 11.50 -11.70 6.75
N SER C 123 10.87 -10.53 6.96
CA SER C 123 9.49 -10.38 7.44
C SER C 123 8.46 -11.28 6.73
N ILE C 124 8.44 -11.32 5.40
CA ILE C 124 7.41 -12.10 4.65
C ILE C 124 7.52 -13.59 5.01
N ALA C 125 8.73 -14.16 4.87
CA ALA C 125 8.98 -15.58 5.11
C ALA C 125 8.78 -15.95 6.60
N VAL C 126 9.21 -15.08 7.52
CA VAL C 126 9.08 -15.29 8.98
C VAL C 126 7.60 -15.25 9.38
N ARG C 127 6.85 -14.22 8.91
CA ARG C 127 5.42 -14.09 9.23
C ARG C 127 4.60 -15.23 8.63
N ALA C 128 4.98 -15.74 7.44
CA ALA C 128 4.29 -16.87 6.81
C ALA C 128 4.45 -18.15 7.65
N SER C 129 5.64 -18.32 8.29
CA SER C 129 5.91 -19.46 9.18
C SER C 129 4.98 -19.37 10.40
N VAL C 130 4.85 -18.16 11.00
CA VAL C 130 3.96 -17.89 12.13
C VAL C 130 2.51 -18.23 11.71
N GLU C 131 2.06 -17.68 10.56
CA GLU C 131 0.73 -17.85 10.00
C GLU C 131 0.35 -19.33 9.88
N GLU C 132 1.26 -20.14 9.32
CA GLU C 132 1.08 -21.56 9.08
C GLU C 132 0.80 -22.34 10.38
N GLN C 133 1.55 -22.05 11.46
CA GLN C 133 1.37 -22.73 12.74
C GLN C 133 0.07 -22.28 13.46
N LEU C 134 -0.35 -21.00 13.25
CA LEU C 134 -1.60 -20.46 13.80
C LEU C 134 -2.79 -21.10 13.10
N GLN C 135 -2.72 -21.22 11.74
CA GLN C 135 -3.80 -21.80 10.94
C GLN C 135 -4.00 -23.30 11.26
N LYS C 136 -2.92 -24.02 11.64
CA LYS C 136 -3.00 -25.43 12.02
C LYS C 136 -3.43 -25.60 13.48
N GLY C 137 -3.46 -24.49 14.21
CA GLY C 137 -3.83 -24.46 15.63
C GLY C 137 -2.76 -24.98 16.55
N HIS C 138 -1.49 -25.00 16.08
CA HIS C 138 -0.34 -25.47 16.86
C HIS C 138 0.10 -24.41 17.88
N ILE C 139 -0.25 -23.15 17.60
CA ILE C 139 -0.07 -21.98 18.45
C ILE C 139 -1.37 -21.16 18.38
N GLU C 140 -1.67 -20.36 19.43
CA GLU C 140 -2.88 -19.54 19.46
C GLU C 140 -2.56 -18.04 19.54
N GLY C 141 -3.40 -17.23 18.91
CA GLY C 141 -3.26 -15.79 18.93
C GLY C 141 -3.22 -15.16 17.56
N ASN C 142 -2.40 -14.12 17.42
CA ASN C 142 -2.21 -13.36 16.19
C ASN C 142 -0.75 -13.44 15.80
N VAL C 143 -0.43 -13.10 14.54
CA VAL C 143 0.95 -13.13 14.02
C VAL C 143 1.84 -12.23 14.90
N SER C 144 1.33 -11.05 15.34
CA SER C 144 2.05 -10.07 16.18
C SER C 144 2.54 -10.65 17.51
N ASP C 145 1.83 -11.65 18.07
CA ASP C 145 2.23 -12.31 19.32
C ASP C 145 3.53 -13.13 19.17
N TYR C 146 3.83 -13.61 17.95
CA TYR C 146 4.99 -14.48 17.71
C TYR C 146 6.07 -13.91 16.79
N ALA C 147 5.70 -12.98 15.89
CA ALA C 147 6.65 -12.37 14.96
C ALA C 147 7.69 -11.58 15.73
N PRO C 148 9.00 -11.90 15.57
CA PRO C 148 9.98 -11.22 16.41
C PRO C 148 10.34 -9.82 15.93
N ALA C 149 10.68 -9.01 16.91
CA ALA C 149 11.29 -7.70 16.71
C ALA C 149 12.73 -7.95 16.30
N LEU C 150 13.46 -6.93 15.80
CA LEU C 150 14.88 -7.15 15.50
C LEU C 150 15.68 -7.07 16.79
N ILE C 151 15.34 -6.07 17.64
CA ILE C 151 15.97 -5.84 18.95
CA ILE C 151 15.96 -5.84 18.94
C ILE C 151 14.88 -5.59 19.99
N CYS C 152 15.01 -6.21 21.17
CA CYS C 152 14.10 -6.02 22.27
C CYS C 152 14.88 -6.04 23.60
N GLU C 154 14.53 -5.33 27.79
CA GLU C 154 13.61 -5.09 28.89
C GLU C 154 14.35 -5.10 30.22
N GLY C 155 14.18 -4.03 30.99
CA GLY C 155 14.79 -3.87 32.31
C GLY C 155 16.31 -3.80 32.28
N CYS C 156 16.87 -3.37 31.13
CA CYS C 156 18.32 -3.28 30.93
C CYS C 156 18.87 -1.90 31.31
N GLU C 157 20.16 -1.85 31.69
CA GLU C 157 20.82 -0.62 32.10
C GLU C 157 22.11 -0.45 31.32
N ASP C 158 22.42 0.78 30.83
CA ASP C 158 23.65 1.09 30.07
C ASP C 158 23.66 0.25 28.77
N VAL C 159 22.79 0.65 27.83
CA VAL C 159 22.61 -0.03 26.54
C VAL C 159 23.13 0.86 25.44
N LYS C 160 24.05 0.34 24.61
CA LYS C 160 24.63 1.12 23.54
C LYS C 160 24.34 0.45 22.18
N ILE C 161 23.47 1.07 21.40
CA ILE C 161 23.10 0.62 20.07
C ILE C 161 23.66 1.63 19.09
N GLU C 162 24.41 1.18 18.08
CA GLU C 162 24.95 2.13 17.08
C GLU C 162 25.19 1.49 15.72
N GLN C 163 25.21 2.34 14.68
CA GLN C 163 25.64 2.12 13.28
C GLN C 163 24.85 1.10 12.48
N VAL C 164 24.28 0.07 13.12
CA VAL C 164 23.59 -1.05 12.45
C VAL C 164 22.42 -0.60 11.58
N THR C 165 22.15 -1.38 10.53
CA THR C 165 20.97 -1.20 9.69
C THR C 165 19.99 -2.29 10.13
N LEU C 166 18.80 -1.88 10.58
CA LEU C 166 17.72 -2.77 11.01
C LEU C 166 16.76 -2.86 9.83
N GLN C 167 16.71 -4.03 9.19
CA GLN C 167 16.03 -4.11 7.90
C GLN C 167 14.96 -5.18 7.84
N ASP C 168 13.78 -4.81 7.31
CA ASP C 168 12.66 -5.71 7.04
C ASP C 168 12.24 -6.50 8.30
N ALA C 169 12.06 -5.80 9.44
CA ALA C 169 11.63 -6.39 10.72
C ALA C 169 10.31 -7.16 10.54
N ALA C 170 10.22 -8.36 11.15
CA ALA C 170 9.02 -9.20 11.12
C ALA C 170 7.92 -8.58 11.99
N ASN C 171 8.30 -7.68 12.91
CA ASN C 171 7.41 -6.94 13.82
C ASN C 171 7.96 -5.49 13.97
N VAL C 172 7.85 -4.84 15.14
CA VAL C 172 8.45 -3.51 15.42
C VAL C 172 9.97 -3.73 15.49
N ALA C 173 10.82 -2.94 14.74
CA ALA C 173 12.28 -3.11 14.66
C ALA C 173 12.98 -3.10 16.04
N GLU C 174 12.65 -2.13 16.90
CA GLU C 174 13.29 -1.96 18.21
C GLU C 174 12.28 -1.79 19.30
N ILE C 175 12.47 -2.48 20.41
CA ILE C 175 11.60 -2.35 21.59
C ILE C 175 12.47 -2.06 22.81
N TYR C 176 12.17 -0.95 23.49
CA TYR C 176 12.86 -0.59 24.74
C TYR C 176 11.81 -0.46 25.82
N LYS C 177 11.86 -1.37 26.79
CA LYS C 177 10.88 -1.42 27.88
C LYS C 177 11.60 -1.40 29.22
N ASP C 178 11.26 -0.43 30.10
CA ASP C 178 11.78 -0.27 31.46
C ASP C 178 13.31 -0.27 31.50
N CYS C 179 13.93 0.38 30.52
CA CYS C 179 15.40 0.46 30.41
C CYS C 179 15.92 1.77 30.98
N HIS C 180 17.20 1.76 31.38
CA HIS C 180 17.84 2.96 31.91
C HIS C 180 19.18 3.19 31.17
N ASN C 181 19.45 4.45 30.79
CA ASN C 181 20.67 4.90 30.11
C ASN C 181 20.86 4.13 28.79
N VAL C 182 19.96 4.36 27.84
CA VAL C 182 20.01 3.77 26.51
C VAL C 182 20.50 4.83 25.54
N THR C 183 21.40 4.45 24.62
CA THR C 183 21.85 5.34 23.55
C THR C 183 21.68 4.58 22.24
N VAL C 184 21.17 5.27 21.24
CA VAL C 184 20.91 4.73 19.89
C VAL C 184 21.50 5.77 18.94
N ASP C 185 22.62 5.43 18.28
CA ASP C 185 23.33 6.40 17.44
C ASP C 185 23.62 5.89 16.06
N LYS C 186 23.34 6.70 15.02
CA LYS C 186 23.61 6.40 13.61
C LYS C 186 22.97 5.06 13.15
N VAL C 187 21.83 4.69 13.76
CA VAL C 187 21.07 3.48 13.40
C VAL C 187 20.14 3.82 12.21
N VAL C 188 20.09 2.92 11.22
CA VAL C 188 19.22 3.06 10.06
C VAL C 188 18.11 1.99 10.16
N VAL C 189 16.83 2.39 10.07
CA VAL C 189 15.74 1.42 10.06
C VAL C 189 15.16 1.42 8.65
N ASN C 190 15.27 0.28 7.94
CA ASN C 190 14.71 0.14 6.59
C ASN C 190 13.47 -0.70 6.68
N ALA C 191 12.31 -0.13 6.27
CA ALA C 191 11.03 -0.83 6.34
C ALA C 191 11.04 -2.11 5.51
N GLY C 192 11.57 -2.05 4.29
CA GLY C 192 11.54 -3.20 3.40
C GLY C 192 10.10 -3.53 3.07
N ALA C 193 9.70 -4.79 3.27
CA ALA C 193 8.33 -5.26 3.01
C ALA C 193 7.38 -4.80 4.13
N SER C 194 7.89 -4.74 5.38
CA SER C 194 7.22 -4.32 6.60
C SER C 194 6.55 -2.93 6.47
N ASP C 195 5.36 -2.78 7.06
CA ASP C 195 4.61 -1.52 7.12
C ASP C 195 4.40 -1.16 8.60
N ARG C 196 5.31 -1.63 9.47
CA ARG C 196 5.21 -1.46 10.92
C ARG C 196 6.14 -0.38 11.47
N LYS C 197 5.95 -0.06 12.76
CA LYS C 197 6.72 0.95 13.49
C LYS C 197 8.14 0.50 13.63
N ALA C 198 9.05 1.46 13.80
CA ALA C 198 10.47 1.21 13.99
C ALA C 198 10.81 1.05 15.47
N ILE C 199 10.23 1.91 16.36
CA ILE C 199 10.55 1.89 17.80
C ILE C 199 9.31 1.89 18.68
N SER C 200 9.33 1.05 19.70
CA SER C 200 8.34 1.00 20.77
C SER C 200 9.09 1.32 22.06
N ILE C 201 8.70 2.38 22.77
CA ILE C 201 9.36 2.82 23.99
C ILE C 201 8.33 2.97 25.11
N SER C 202 8.63 2.37 26.28
CA SER C 202 7.75 2.44 27.46
C SER C 202 8.56 2.30 28.74
N GLY C 203 8.20 3.12 29.73
CA GLY C 203 8.80 3.14 31.07
C GLY C 203 10.30 3.28 31.15
N CYS C 204 10.93 3.91 30.14
CA CYS C 204 12.38 4.07 30.13
C CYS C 204 12.81 5.32 30.88
N ASP C 205 14.07 5.34 31.35
CA ASP C 205 14.63 6.51 32.01
C ASP C 205 16.00 6.77 31.40
N GLY C 206 16.06 7.79 30.53
CA GLY C 206 17.29 8.16 29.87
C GLY C 206 17.46 7.38 28.59
N VAL C 207 16.96 7.94 27.49
CA VAL C 207 17.08 7.37 26.14
C VAL C 207 17.53 8.49 25.23
N LYS C 208 18.76 8.36 24.72
CA LYS C 208 19.31 9.38 23.83
CA LYS C 208 19.33 9.37 23.84
C LYS C 208 19.47 8.79 22.43
N THR C 210 20.37 9.66 18.53
CA THR C 210 21.05 10.64 17.69
C THR C 210 21.38 10.10 16.31
N ASP C 211 21.15 10.92 15.26
CA ASP C 211 21.46 10.62 13.85
C ASP C 211 20.82 9.31 13.39
N CYS C 212 19.59 9.08 13.78
CA CYS C 212 18.90 7.87 13.35
C CYS C 212 18.03 8.18 12.14
N TYR C 213 18.10 7.30 11.12
CA TYR C 213 17.33 7.45 9.88
C TYR C 213 16.29 6.33 9.76
N PHE C 214 15.08 6.70 9.38
CA PHE C 214 13.92 5.82 9.25
C PHE C 214 13.39 5.85 7.85
N ASN C 215 13.76 4.85 7.05
CA ASN C 215 13.35 4.72 5.66
CA ASN C 215 13.35 4.72 5.65
C ASN C 215 12.00 4.01 5.57
N ALA C 217 7.29 4.94 5.58
CA ALA C 217 6.16 5.84 5.55
C ALA C 217 5.48 5.85 6.92
N GLY C 218 5.07 7.04 7.35
CA GLY C 218 4.40 7.24 8.63
C GLY C 218 5.31 7.62 9.79
N ASN C 219 4.73 7.68 11.02
CA ASN C 219 5.49 7.99 12.23
C ASN C 219 6.21 6.69 12.68
N PRO C 220 7.54 6.70 12.75
CA PRO C 220 8.28 5.48 13.11
C PRO C 220 8.20 5.08 14.59
N LEU C 221 7.84 6.05 15.46
CA LEU C 221 7.85 5.90 16.91
C LEU C 221 6.48 5.65 17.55
N GLU C 222 6.44 4.62 18.40
CA GLU C 222 5.30 4.24 19.22
C GLU C 222 5.76 4.42 20.66
N SER C 223 5.06 5.27 21.42
CA SER C 223 5.42 5.51 22.81
C SER C 223 4.21 5.35 23.73
N ALA C 224 4.41 4.71 24.90
CA ALA C 224 3.37 4.54 25.91
C ALA C 224 3.20 5.82 26.73
N GLY C 225 4.13 6.77 26.53
CA GLY C 225 4.15 8.05 27.22
C GLY C 225 4.49 7.93 28.70
N THR C 226 5.22 6.86 29.08
CA THR C 226 5.60 6.59 30.47
C THR C 226 7.13 6.68 30.70
N SER C 227 7.87 7.26 29.72
CA SER C 227 9.31 7.39 29.79
C SER C 227 9.75 8.82 30.14
N ARG C 228 10.98 8.94 30.65
CA ARG C 228 11.55 10.25 30.99
C ARG C 228 12.99 10.35 30.51
N ASN C 229 13.51 11.59 30.37
CA ASN C 229 14.86 11.90 29.90
C ASN C 229 15.08 11.36 28.48
N LEU C 230 14.12 11.64 27.60
CA LEU C 230 14.21 11.22 26.19
C LEU C 230 14.79 12.38 25.39
N ILE C 231 15.89 12.14 24.66
CA ILE C 231 16.52 13.18 23.85
C ILE C 231 16.72 12.65 22.45
N PHE C 232 16.05 13.27 21.48
CA PHE C 232 16.13 12.94 20.08
C PHE C 232 16.85 14.06 19.35
N THR C 233 18.00 13.76 18.74
CA THR C 233 18.80 14.72 18.00
C THR C 233 18.97 14.22 16.58
N ASN C 234 18.52 15.01 15.60
CA ASN C 234 18.62 14.67 14.17
C ASN C 234 18.12 13.22 13.88
N CYS C 235 16.94 12.88 14.37
CA CYS C 235 16.28 11.60 14.06
C CYS C 235 15.17 11.92 13.09
N ILE C 236 15.33 11.48 11.82
CA ILE C 236 14.46 11.92 10.74
C ILE C 236 13.91 10.81 9.87
N THR C 237 12.77 11.15 9.22
CA THR C 237 12.05 10.41 8.17
C THR C 237 12.67 10.89 6.83
N PRO C 238 12.54 10.18 5.67
CA PRO C 238 13.24 10.62 4.44
C PRO C 238 13.04 12.07 4.00
N ASP C 239 11.91 12.72 4.35
CA ASP C 239 11.65 14.13 4.03
C ASP C 239 12.50 15.11 4.87
N GLY C 240 13.09 14.60 5.94
CA GLY C 240 13.93 15.38 6.85
C GLY C 240 13.21 15.87 8.07
N LYS C 241 11.91 15.52 8.21
CA LYS C 241 11.06 15.87 9.35
C LYS C 241 11.48 15.09 10.61
N LYS D 20 -6.15 20.91 -20.51
CA LYS D 20 -7.16 20.43 -19.56
C LYS D 20 -6.53 19.53 -18.50
N ASP D 21 -6.93 19.75 -17.24
CA ASP D 21 -6.46 19.04 -16.05
C ASP D 21 -7.46 17.94 -15.69
N TYR D 22 -6.94 16.72 -15.48
CA TYR D 22 -7.71 15.53 -15.16
C TYR D 22 -7.35 15.01 -13.78
N GLN D 23 -8.34 14.92 -12.89
CA GLN D 23 -8.13 14.38 -11.55
C GLN D 23 -8.10 12.85 -11.66
N VAL D 24 -7.14 12.19 -11.01
CA VAL D 24 -6.97 10.71 -11.09
C VAL D 24 -8.24 9.94 -10.63
N ALA D 25 -8.93 10.43 -9.60
CA ALA D 25 -10.16 9.79 -9.05
C ALA D 25 -11.20 9.55 -10.16
N PHE D 27 -10.83 8.44 -13.09
CA PHE D 27 -10.50 7.20 -13.82
C PHE D 27 -10.44 5.96 -12.92
N GLY D 28 -10.98 6.08 -11.71
CA GLY D 28 -10.97 5.00 -10.73
C GLY D 28 -9.61 4.76 -10.09
N ILE D 29 -8.75 5.79 -10.06
CA ILE D 29 -7.41 5.67 -9.47
C ILE D 29 -7.53 6.02 -7.97
N LYS D 30 -7.08 5.12 -7.11
CA LYS D 30 -7.32 5.21 -5.67
C LYS D 30 -6.08 5.27 -4.74
N SER D 31 -6.19 6.10 -3.70
CA SER D 31 -5.19 6.22 -2.64
CA SER D 31 -5.18 6.21 -2.64
C SER D 31 -5.75 5.60 -1.35
N ASP D 32 -6.14 4.31 -1.42
CA ASP D 32 -6.76 3.56 -0.31
C ASP D 32 -5.84 2.59 0.48
N GLY D 33 -4.54 2.61 0.23
CA GLY D 33 -3.65 1.70 0.94
C GLY D 33 -3.60 0.29 0.37
N VAL D 34 -4.39 -0.02 -0.69
CA VAL D 34 -4.41 -1.39 -1.21
C VAL D 34 -4.46 -1.47 -2.76
N THR D 35 -5.24 -0.63 -3.45
CA THR D 35 -5.48 -0.72 -4.89
C THR D 35 -4.21 -0.46 -5.74
N LEU D 36 -3.92 -1.42 -6.63
CA LEU D 36 -2.84 -1.32 -7.63
C LEU D 36 -3.43 -0.58 -8.81
N ASN D 37 -2.93 0.63 -9.07
CA ASN D 37 -3.55 1.54 -10.05
C ASN D 37 -2.96 1.54 -11.45
N THR D 38 -1.97 0.69 -11.73
CA THR D 38 -1.26 0.68 -13.01
C THR D 38 -2.16 0.80 -14.27
N ARG D 39 -3.12 -0.10 -14.43
CA ARG D 39 -3.99 -0.15 -15.61
C ARG D 39 -4.87 1.09 -15.73
N SER D 40 -5.42 1.59 -14.62
CA SER D 40 -6.28 2.79 -14.65
C SER D 40 -5.43 4.05 -14.92
N ILE D 41 -4.21 4.12 -14.37
CA ILE D 41 -3.31 5.25 -14.65
C ILE D 41 -2.95 5.22 -16.15
N GLN D 42 -2.59 4.04 -16.67
CA GLN D 42 -2.20 3.88 -18.07
C GLN D 42 -3.33 4.31 -19.00
N ARG D 43 -4.56 3.87 -18.69
CA ARG D 43 -5.73 4.25 -19.49
CA ARG D 43 -5.73 4.24 -19.49
C ARG D 43 -5.93 5.76 -19.44
N ALA D 44 -5.76 6.37 -18.24
CA ALA D 44 -5.92 7.83 -18.10
C ALA D 44 -4.90 8.57 -18.99
N VAL D 45 -3.61 8.16 -18.92
CA VAL D 45 -2.52 8.70 -19.76
C VAL D 45 -2.88 8.56 -21.26
N ASP D 46 -3.29 7.35 -21.69
CA ASP D 46 -3.65 7.05 -23.08
C ASP D 46 -4.83 7.90 -23.54
N TYR D 47 -5.87 8.02 -22.69
CA TYR D 47 -7.08 8.82 -22.99
C TYR D 47 -6.70 10.29 -23.16
N ILE D 48 -5.96 10.84 -22.19
CA ILE D 48 -5.56 12.24 -22.25
C ILE D 48 -4.73 12.50 -23.53
N SER D 49 -3.77 11.63 -23.86
CA SER D 49 -2.97 11.82 -25.08
C SER D 49 -3.88 11.80 -26.34
N GLU D 50 -4.88 10.89 -26.37
CA GLU D 50 -5.86 10.77 -27.46
C GLU D 50 -6.69 12.05 -27.62
N GLN D 51 -6.96 12.78 -26.51
CA GLN D 51 -7.74 14.02 -26.52
C GLN D 51 -6.90 15.23 -26.97
N GLY D 52 -5.61 15.02 -27.24
CA GLY D 52 -4.72 16.09 -27.67
C GLY D 52 -3.79 16.57 -26.58
N GLY D 53 -3.79 15.87 -25.44
CA GLY D 53 -2.91 16.21 -24.34
C GLY D 53 -3.57 16.91 -23.16
N GLY D 54 -2.77 17.08 -22.11
CA GLY D 54 -3.21 17.66 -20.86
C GLY D 54 -2.42 17.13 -19.68
N ARG D 55 -2.96 17.31 -18.47
CA ARG D 55 -2.25 16.88 -17.28
C ARG D 55 -3.06 15.91 -16.44
N LEU D 56 -2.39 14.88 -15.91
CA LEU D 56 -3.00 13.90 -15.00
C LEU D 56 -2.57 14.28 -13.59
N ILE D 57 -3.52 14.65 -12.73
CA ILE D 57 -3.23 15.18 -11.38
C ILE D 57 -3.50 14.18 -10.26
N PHE D 58 -2.45 13.89 -9.46
CA PHE D 58 -2.52 13.07 -8.25
C PHE D 58 -2.57 14.06 -7.09
N TYR D 59 -3.75 14.17 -6.43
CA TYR D 59 -4.07 15.15 -5.39
C TYR D 59 -3.42 14.91 -4.00
N VAL D 60 -3.71 13.79 -3.35
CA VAL D 60 -3.19 13.54 -1.99
C VAL D 60 -3.21 12.02 -1.71
N GLY D 61 -2.34 11.60 -0.81
CA GLY D 61 -2.28 10.20 -0.38
C GLY D 61 -1.32 9.38 -1.21
N ARG D 62 -1.28 8.07 -0.95
CA ARG D 62 -0.33 7.15 -1.59
C ARG D 62 -1.03 6.34 -2.66
N TYR D 63 -0.46 6.36 -3.86
CA TYR D 63 -1.00 5.66 -5.01
C TYR D 63 -0.06 4.55 -5.41
N LEU D 64 -0.49 3.31 -5.16
CA LEU D 64 0.27 2.11 -5.53
C LEU D 64 0.29 1.94 -7.03
N THR D 65 1.45 1.65 -7.61
CA THR D 65 1.54 1.45 -9.06
C THR D 65 2.73 0.60 -9.49
N GLY D 66 2.60 0.01 -10.67
CA GLY D 66 3.66 -0.63 -11.41
C GLY D 66 4.12 0.37 -12.46
N SER D 67 4.76 -0.12 -13.54
CA SER D 67 5.30 0.76 -14.59
C SER D 67 4.22 1.44 -15.42
N ILE D 68 4.37 2.76 -15.56
CA ILE D 68 3.47 3.65 -16.31
C ILE D 68 4.21 4.14 -17.55
N GLU D 69 3.59 4.02 -18.73
CA GLU D 69 4.16 4.53 -19.95
C GLU D 69 3.57 5.93 -20.24
N LEU D 70 4.39 6.98 -20.10
CA LEU D 70 3.98 8.34 -20.39
C LEU D 70 3.83 8.50 -21.92
N LYS D 71 2.81 9.26 -22.38
CA LYS D 71 2.58 9.43 -23.81
C LYS D 71 2.70 10.89 -24.18
N SER D 72 2.90 11.17 -25.49
CA SER D 72 3.07 12.52 -26.01
C SER D 72 1.96 13.46 -25.58
N ASN D 73 2.37 14.68 -25.17
CA ASN D 73 1.53 15.82 -24.78
C ASN D 73 0.86 15.62 -23.40
N VAL D 74 1.35 14.67 -22.62
CA VAL D 74 0.85 14.39 -21.28
C VAL D 74 1.90 14.74 -20.25
N THR D 75 1.44 15.39 -19.17
CA THR D 75 2.23 15.70 -18.00
C THR D 75 1.56 15.03 -16.81
N ILE D 76 2.34 14.32 -15.99
CA ILE D 76 1.86 13.75 -14.76
C ILE D 76 2.25 14.69 -13.63
N ARG D 77 1.27 15.11 -12.81
CA ARG D 77 1.53 15.97 -11.67
C ARG D 77 1.28 15.21 -10.40
N ILE D 78 2.28 15.13 -9.54
CA ILE D 78 2.16 14.50 -8.23
C ILE D 78 2.21 15.68 -7.27
N GLU D 79 1.05 16.14 -6.77
CA GLU D 79 0.95 17.32 -5.90
C GLU D 79 1.62 17.08 -4.54
N GLU D 80 1.96 18.15 -3.84
CA GLU D 80 2.53 18.04 -2.48
C GLU D 80 1.54 17.27 -1.61
N GLY D 81 2.03 16.28 -0.89
CA GLY D 81 1.16 15.44 -0.09
C GLY D 81 0.79 14.16 -0.79
N ALA D 82 1.02 14.06 -2.12
CA ALA D 82 0.73 12.84 -2.87
C ALA D 82 1.99 12.04 -3.08
N VAL D 83 1.85 10.70 -3.10
CA VAL D 83 3.00 9.84 -3.33
C VAL D 83 2.62 8.78 -4.36
N LEU D 84 3.49 8.59 -5.35
CA LEU D 84 3.36 7.53 -6.35
C LEU D 84 4.29 6.44 -5.81
N VAL D 85 3.70 5.32 -5.33
CA VAL D 85 4.41 4.25 -4.61
CA VAL D 85 4.49 4.29 -4.65
C VAL D 85 4.59 2.99 -5.46
N ALA D 86 5.84 2.51 -5.59
CA ALA D 86 6.12 1.28 -6.31
C ALA D 86 5.54 0.08 -5.57
N VAL D 87 4.89 -0.81 -6.31
CA VAL D 87 4.40 -2.08 -5.79
C VAL D 87 5.63 -3.01 -5.66
N PRO D 88 5.81 -3.79 -4.55
CA PRO D 88 7.03 -4.63 -4.43
C PRO D 88 6.88 -5.93 -5.22
N SER D 89 6.77 -5.81 -6.55
CA SER D 89 6.47 -6.94 -7.43
C SER D 89 7.19 -6.80 -8.77
N VAL D 90 8.21 -7.64 -9.01
CA VAL D 90 9.06 -7.61 -10.23
C VAL D 90 8.21 -7.69 -11.52
N TYR D 91 7.18 -8.54 -11.55
CA TYR D 91 6.37 -8.75 -12.74
C TYR D 91 5.38 -7.59 -13.04
N ASP D 92 5.25 -6.63 -12.12
CA ASP D 92 4.41 -5.43 -12.34
C ASP D 92 5.23 -4.27 -12.99
N PHE D 93 6.49 -4.55 -13.37
CA PHE D 93 7.32 -3.54 -14.04
C PHE D 93 7.62 -3.96 -15.48
N LYS D 94 8.11 -3.01 -16.33
CA LYS D 94 8.46 -3.19 -17.75
C LYS D 94 9.49 -4.32 -17.95
N CYS D 99 13.75 0.86 -21.68
CA CYS D 99 13.23 1.62 -20.55
C CYS D 99 12.49 0.73 -19.55
N ASN D 100 12.94 0.70 -18.27
CA ASN D 100 12.29 0.00 -17.13
C ASN D 100 12.24 0.91 -15.89
N ALA D 101 11.08 1.54 -15.68
CA ALA D 101 10.92 2.51 -14.60
C ALA D 101 9.48 2.61 -14.13
N ILE D 102 9.24 3.37 -13.05
CA ILE D 102 7.87 3.62 -12.55
C ILE D 102 7.13 4.47 -13.60
N ILE D 103 7.85 5.46 -14.17
CA ILE D 103 7.37 6.29 -15.27
C ILE D 103 8.42 6.22 -16.36
N TYR D 104 8.04 5.69 -17.52
CA TYR D 104 8.97 5.65 -18.63
C TYR D 104 8.31 6.21 -19.88
N ALA D 105 9.13 6.59 -20.86
CA ALA D 105 8.60 7.07 -22.13
C ALA D 105 9.57 6.65 -23.23
N ASP D 106 9.01 6.20 -24.35
CA ASP D 106 9.78 5.75 -25.49
C ASP D 106 9.35 6.51 -26.76
N LYS D 107 10.24 7.38 -27.24
CA LYS D 107 10.10 8.18 -28.47
C LYS D 107 8.83 9.08 -28.43
N GLN D 108 8.59 9.72 -27.28
CA GLN D 108 7.45 10.62 -27.09
C GLN D 108 7.94 12.07 -27.13
N LYS D 109 7.03 13.02 -27.36
CA LYS D 109 7.33 14.46 -27.47
C LYS D 109 6.43 15.24 -26.55
N ASN D 110 6.94 16.37 -26.01
CA ASN D 110 6.17 17.30 -25.18
C ASN D 110 5.56 16.58 -23.95
N ILE D 111 6.43 15.96 -23.14
CA ILE D 111 5.99 15.21 -21.97
C ILE D 111 6.57 15.83 -20.71
N GLY D 112 5.90 15.60 -19.60
CA GLY D 112 6.36 16.15 -18.33
C GLY D 112 5.97 15.38 -17.10
N ILE D 113 6.73 15.63 -16.04
CA ILE D 113 6.50 15.15 -14.68
C ILE D 113 6.74 16.39 -13.79
N GLY D 114 5.74 16.70 -12.96
CA GLY D 114 5.83 17.85 -12.06
C GLY D 114 5.08 17.64 -10.77
N GLY D 115 5.07 18.69 -9.96
CA GLY D 115 4.41 18.66 -8.65
C GLY D 115 5.40 18.43 -7.53
N LYS D 116 5.08 18.90 -6.32
CA LYS D 116 6.00 18.79 -5.19
C LYS D 116 5.85 17.47 -4.44
N GLY D 117 5.07 16.53 -5.01
CA GLY D 117 4.90 15.19 -4.44
C GLY D 117 6.13 14.33 -4.58
N ILE D 118 5.97 13.03 -4.27
CA ILE D 118 7.06 12.08 -4.28
C ILE D 118 6.76 10.89 -5.15
N ILE D 119 7.83 10.32 -5.72
CA ILE D 119 7.86 9.03 -6.43
C ILE D 119 8.74 8.17 -5.55
N ASP D 120 8.16 7.14 -4.91
CA ASP D 120 8.82 6.27 -3.93
C ASP D 120 9.08 4.86 -4.52
N GLY D 121 10.36 4.53 -4.67
CA GLY D 121 10.80 3.30 -5.27
C GLY D 121 10.74 2.05 -4.43
N ARG D 122 10.57 2.19 -3.08
CA ARG D 122 10.51 1.04 -2.15
C ARG D 122 11.59 0.00 -2.48
N SER D 123 12.83 0.49 -2.65
CA SER D 123 13.99 -0.27 -3.13
C SER D 123 14.20 -1.64 -2.48
N ILE D 124 14.18 -1.74 -1.15
CA ILE D 124 14.46 -3.02 -0.45
C ILE D 124 13.43 -4.08 -0.85
N ALA D 125 12.14 -3.74 -0.74
CA ALA D 125 11.03 -4.65 -1.03
C ALA D 125 10.97 -5.01 -2.52
N VAL D 126 11.21 -4.03 -3.42
CA VAL D 126 11.18 -4.24 -4.87
C VAL D 126 12.37 -5.15 -5.31
N ARG D 127 13.59 -4.86 -4.80
CA ARG D 127 14.78 -5.67 -5.13
C ARG D 127 14.67 -7.08 -4.59
N ALA D 128 14.03 -7.26 -3.40
CA ALA D 128 13.85 -8.59 -2.81
C ALA D 128 12.91 -9.44 -3.67
N SER D 129 11.90 -8.81 -4.31
CA SER D 129 10.97 -9.46 -5.23
C SER D 129 11.75 -9.97 -6.45
N VAL D 130 12.60 -9.12 -7.03
CA VAL D 130 13.48 -9.46 -8.15
C VAL D 130 14.38 -10.66 -7.75
N GLU D 131 15.07 -10.54 -6.59
CA GLU D 131 15.98 -11.55 -6.02
C GLU D 131 15.31 -12.92 -5.94
N GLU D 132 14.09 -12.97 -5.38
CA GLU D 132 13.31 -14.20 -5.20
C GLU D 132 13.05 -14.90 -6.52
N GLN D 133 12.71 -14.14 -7.57
CA GLN D 133 12.41 -14.75 -8.86
C GLN D 133 13.68 -15.25 -9.56
N LEU D 134 14.83 -14.56 -9.36
CA LEU D 134 16.14 -14.98 -9.88
C LEU D 134 16.61 -16.29 -9.20
N GLN D 135 16.42 -16.35 -7.86
CA GLN D 135 16.81 -17.50 -7.04
CA GLN D 135 16.77 -17.48 -6.99
C GLN D 135 16.03 -18.76 -7.42
N LYS D 136 14.76 -18.62 -7.83
CA LYS D 136 13.91 -19.72 -8.25
C LYS D 136 14.17 -20.09 -9.72
N GLY D 137 14.91 -19.24 -10.42
CA GLY D 137 15.26 -19.45 -11.82
C GLY D 137 14.13 -19.17 -12.78
N HIS D 138 13.12 -18.38 -12.33
CA HIS D 138 11.96 -17.98 -13.14
C HIS D 138 12.34 -16.86 -14.11
N ILE D 139 13.43 -16.15 -13.79
CA ILE D 139 14.06 -15.09 -14.58
C ILE D 139 15.58 -15.29 -14.46
N GLU D 140 16.33 -14.83 -15.47
CA GLU D 140 17.80 -14.98 -15.48
CA GLU D 140 17.80 -14.98 -15.55
C GLU D 140 18.49 -13.62 -15.56
N GLY D 141 19.65 -13.54 -14.90
CA GLY D 141 20.45 -12.32 -14.88
C GLY D 141 20.84 -11.88 -13.48
N ASN D 142 20.91 -10.57 -13.30
CA ASN D 142 21.23 -9.92 -12.03
C ASN D 142 20.06 -9.03 -11.68
N VAL D 143 19.97 -8.56 -10.42
CA VAL D 143 18.87 -7.71 -9.93
C VAL D 143 18.76 -6.43 -10.77
N SER D 144 19.92 -5.85 -11.19
CA SER D 144 19.99 -4.62 -12.00
C SER D 144 19.26 -4.72 -13.34
N ASP D 145 19.16 -5.94 -13.92
CA ASP D 145 18.45 -6.15 -15.18
C ASP D 145 16.92 -5.96 -15.03
N TYR D 146 16.37 -6.14 -13.82
CA TYR D 146 14.91 -6.06 -13.60
C TYR D 146 14.45 -4.93 -12.68
N ALA D 147 15.32 -4.48 -11.76
CA ALA D 147 14.98 -3.43 -10.79
C ALA D 147 14.70 -2.12 -11.53
N PRO D 148 13.51 -1.53 -11.36
CA PRO D 148 13.19 -0.32 -12.13
C PRO D 148 13.79 0.95 -11.57
N ALA D 149 14.07 1.85 -12.49
CA ALA D 149 14.42 3.23 -12.17
C ALA D 149 13.13 3.96 -11.76
N LEU D 150 13.23 5.17 -11.22
CA LEU D 150 11.99 5.90 -10.93
C LEU D 150 11.44 6.53 -12.23
N ILE D 151 12.34 7.14 -13.02
CA ILE D 151 12.03 7.78 -14.30
C ILE D 151 13.05 7.30 -15.35
N CYS D 152 12.57 6.97 -16.56
CA CYS D 152 13.42 6.56 -17.66
C CYS D 152 12.85 7.08 -18.98
N GLU D 154 13.68 7.49 -23.15
CA GLU D 154 14.56 7.09 -24.25
C GLU D 154 14.02 7.60 -25.57
N GLY D 155 14.88 8.34 -26.30
CA GLY D 155 14.55 8.91 -27.60
C GLY D 155 13.43 9.95 -27.55
N CYS D 156 13.23 10.59 -26.38
CA CYS D 156 12.19 11.59 -26.20
C CYS D 156 12.67 13.00 -26.53
N GLU D 157 11.71 13.90 -26.86
CA GLU D 157 12.01 15.28 -27.24
C GLU D 157 11.11 16.22 -26.46
N ASP D 158 11.65 17.34 -25.93
CA ASP D 158 10.91 18.36 -25.17
C ASP D 158 10.31 17.72 -23.89
N VAL D 159 11.21 17.42 -22.94
CA VAL D 159 10.91 16.73 -21.69
C VAL D 159 11.06 17.71 -20.55
N LYS D 160 9.99 17.86 -19.72
CA LYS D 160 10.02 18.79 -18.62
C LYS D 160 9.80 18.07 -17.29
N ILE D 161 10.85 17.95 -16.52
CA ILE D 161 10.80 17.34 -15.19
C ILE D 161 11.01 18.45 -14.17
N GLU D 162 10.12 18.57 -13.16
CA GLU D 162 10.31 19.59 -12.14
C GLU D 162 9.68 19.23 -10.80
N GLN D 163 10.22 19.84 -9.73
CA GLN D 163 9.72 19.90 -8.33
C GLN D 163 9.65 18.60 -7.59
N VAL D 164 9.44 17.46 -8.29
CA VAL D 164 9.21 16.15 -7.67
C VAL D 164 10.38 15.69 -6.79
N THR D 165 10.06 14.86 -5.78
CA THR D 165 11.03 14.24 -4.93
C THR D 165 11.10 12.80 -5.40
N LEU D 166 12.29 12.36 -5.80
CA LEU D 166 12.56 11.01 -6.27
C LEU D 166 13.24 10.28 -5.12
N GLN D 167 12.55 9.33 -4.51
CA GLN D 167 13.01 8.72 -3.29
C GLN D 167 13.15 7.23 -3.38
N ASP D 168 14.26 6.75 -2.82
CA ASP D 168 14.53 5.33 -2.60
C ASP D 168 14.35 4.48 -3.88
N ALA D 169 14.99 4.91 -4.95
CA ALA D 169 14.96 4.23 -6.25
C ALA D 169 15.46 2.77 -6.12
N ALA D 170 14.75 1.82 -6.78
CA ALA D 170 15.12 0.39 -6.78
C ALA D 170 16.37 0.17 -7.62
N ASN D 171 16.69 1.12 -8.50
CA ASN D 171 17.88 1.07 -9.32
C ASN D 171 18.46 2.48 -9.30
N VAL D 172 18.52 3.17 -10.43
CA VAL D 172 18.97 4.57 -10.54
C VAL D 172 17.70 5.41 -10.47
N ALA D 173 17.76 6.65 -9.99
CA ALA D 173 16.52 7.43 -9.92
C ALA D 173 16.02 7.91 -11.30
N GLU D 174 16.92 8.44 -12.13
CA GLU D 174 16.56 9.02 -13.43
C GLU D 174 17.46 8.50 -14.52
N ILE D 175 16.88 8.12 -15.66
CA ILE D 175 17.65 7.68 -16.82
C ILE D 175 17.23 8.50 -18.02
N TYR D 176 18.20 9.13 -18.69
CA TYR D 176 17.94 9.91 -19.90
C TYR D 176 18.85 9.33 -20.96
N LYS D 177 18.23 8.70 -21.96
CA LYS D 177 18.96 8.05 -23.04
C LYS D 177 18.49 8.56 -24.39
N ASP D 178 19.42 9.11 -25.21
CA ASP D 178 19.16 9.61 -26.58
C ASP D 178 17.99 10.59 -26.62
N CYS D 179 17.90 11.48 -25.63
CA CYS D 179 16.84 12.49 -25.54
C CYS D 179 17.31 13.83 -26.06
N HIS D 180 16.34 14.67 -26.45
CA HIS D 180 16.62 16.02 -26.95
CA HIS D 180 16.59 16.01 -26.98
C HIS D 180 15.74 17.02 -26.24
N ASN D 181 16.35 18.15 -25.82
CA ASN D 181 15.68 19.26 -25.11
C ASN D 181 15.00 18.79 -23.83
N VAL D 182 15.81 18.38 -22.87
CA VAL D 182 15.33 17.94 -21.57
C VAL D 182 15.65 19.04 -20.54
N THR D 183 14.69 19.30 -19.63
CA THR D 183 14.90 20.23 -18.54
CA THR D 183 14.87 20.24 -18.52
C THR D 183 14.51 19.52 -17.24
N VAL D 184 15.34 19.66 -16.21
CA VAL D 184 15.14 19.06 -14.89
C VAL D 184 15.34 20.19 -13.89
N ASP D 185 14.26 20.65 -13.25
CA ASP D 185 14.33 21.81 -12.37
C ASP D 185 13.74 21.58 -11.00
N LYS D 186 14.46 22.00 -9.94
CA LYS D 186 14.02 21.92 -8.53
C LYS D 186 13.63 20.49 -8.11
N VAL D 187 14.27 19.47 -8.72
CA VAL D 187 14.04 18.06 -8.36
C VAL D 187 14.94 17.71 -7.16
N VAL D 188 14.41 16.91 -6.23
CA VAL D 188 15.13 16.43 -5.05
C VAL D 188 15.28 14.91 -5.19
N VAL D 189 16.52 14.41 -5.08
CA VAL D 189 16.75 12.96 -5.10
C VAL D 189 17.14 12.57 -3.68
N ASN D 190 16.32 11.71 -3.04
CA ASN D 190 16.60 11.17 -1.70
C ASN D 190 17.00 9.73 -1.86
N ALA D 191 18.24 9.38 -1.50
CA ALA D 191 18.79 8.04 -1.63
C ALA D 191 17.91 6.95 -1.01
N GLY D 192 17.34 7.24 0.15
CA GLY D 192 16.56 6.26 0.89
C GLY D 192 17.51 5.17 1.35
N ALA D 193 17.27 3.94 0.92
CA ALA D 193 18.15 2.80 1.23
C ALA D 193 19.10 2.48 0.04
N SER D 194 19.00 3.22 -1.06
CA SER D 194 19.83 3.02 -2.25
C SER D 194 21.26 3.54 -2.09
N ASP D 195 22.25 2.74 -2.53
CA ASP D 195 23.65 3.17 -2.54
C ASP D 195 24.09 3.39 -4.00
N ARG D 196 23.13 3.36 -4.92
CA ARG D 196 23.33 3.49 -6.35
C ARG D 196 23.33 4.97 -6.79
N LYS D 197 23.70 5.21 -8.06
CA LYS D 197 23.71 6.53 -8.67
C LYS D 197 22.29 7.09 -8.74
N ALA D 198 22.18 8.42 -8.82
CA ALA D 198 20.90 9.10 -8.93
C ALA D 198 20.52 9.24 -10.40
N ILE D 199 21.49 9.61 -11.27
CA ILE D 199 21.22 9.89 -12.69
C ILE D 199 22.12 9.09 -13.60
N SER D 200 21.55 8.63 -14.73
CA SER D 200 22.28 7.98 -15.82
C SER D 200 21.95 8.74 -17.10
N ILE D 201 22.96 9.31 -17.75
CA ILE D 201 22.77 10.10 -18.95
C ILE D 201 23.69 9.56 -20.07
N SER D 202 23.11 9.36 -21.26
CA SER D 202 23.83 8.83 -22.42
CA SER D 202 23.85 8.85 -22.42
C SER D 202 23.19 9.35 -23.72
N GLY D 203 24.05 9.73 -24.68
CA GLY D 203 23.65 10.22 -26.00
C GLY D 203 22.60 11.31 -26.09
N CYS D 204 22.49 12.15 -25.07
CA CYS D 204 21.48 13.23 -25.07
C CYS D 204 21.99 14.48 -25.79
N ASP D 205 21.07 15.31 -26.26
CA ASP D 205 21.41 16.58 -26.89
C ASP D 205 20.51 17.67 -26.30
N GLY D 206 21.09 18.45 -25.39
CA GLY D 206 20.39 19.55 -24.75
C GLY D 206 19.70 19.08 -23.49
N VAL D 207 20.42 19.14 -22.37
CA VAL D 207 19.91 18.74 -21.05
C VAL D 207 20.28 19.85 -20.09
N LYS D 208 19.26 20.53 -19.56
CA LYS D 208 19.49 21.62 -18.62
C LYS D 208 18.97 21.22 -17.27
N THR D 210 18.76 22.32 -13.34
CA THR D 210 18.85 23.50 -12.47
C THR D 210 18.22 23.31 -11.13
N ASP D 211 18.88 23.80 -10.07
CA ASP D 211 18.41 23.79 -8.68
C ASP D 211 18.04 22.38 -8.21
N CYS D 212 18.84 21.40 -8.59
CA CYS D 212 18.58 20.03 -8.18
C CYS D 212 19.41 19.67 -6.95
N TYR D 213 18.77 19.00 -5.99
CA TYR D 213 19.43 18.61 -4.75
C TYR D 213 19.55 17.07 -4.71
N PHE D 214 20.75 16.56 -4.41
CA PHE D 214 21.01 15.11 -4.37
C PHE D 214 21.36 14.74 -2.96
N ASN D 215 20.36 14.27 -2.20
CA ASN D 215 20.52 13.94 -0.79
C ASN D 215 21.01 12.50 -0.69
N ALA D 217 25.23 10.05 -0.45
CA ALA D 217 26.69 10.00 -0.35
C ALA D 217 27.31 9.66 -1.72
N GLY D 218 28.36 10.39 -2.10
CA GLY D 218 29.08 10.21 -3.36
C GLY D 218 28.60 11.04 -4.55
N ASN D 219 29.19 10.77 -5.74
CA ASN D 219 28.84 11.41 -7.01
C ASN D 219 27.50 10.82 -7.50
N PRO D 220 26.47 11.69 -7.64
CA PRO D 220 25.15 11.20 -8.06
C PRO D 220 25.04 10.81 -9.53
N LEU D 221 25.94 11.31 -10.34
CA LEU D 221 25.87 11.22 -11.78
C LEU D 221 26.72 10.14 -12.41
N GLU D 222 26.08 9.38 -13.29
CA GLU D 222 26.66 8.33 -14.12
C GLU D 222 26.45 8.79 -15.54
N SER D 223 27.54 9.00 -16.28
CA SER D 223 27.47 9.48 -17.65
C SER D 223 28.32 8.61 -18.56
N ALA D 224 27.79 8.29 -19.75
CA ALA D 224 28.51 7.54 -20.78
C ALA D 224 29.50 8.44 -21.51
N GLY D 225 29.39 9.75 -21.26
CA GLY D 225 30.22 10.79 -21.86
C GLY D 225 29.91 11.00 -23.32
N THR D 226 28.68 10.65 -23.77
CA THR D 226 28.30 10.75 -25.19
C THR D 226 27.21 11.79 -25.44
N SER D 227 26.98 12.70 -24.48
CA SER D 227 25.96 13.74 -24.56
C SER D 227 26.57 15.10 -24.85
N ARG D 228 25.75 16.04 -25.34
CA ARG D 228 26.20 17.40 -25.63
C ARG D 228 25.17 18.41 -25.17
N ASN D 229 25.58 19.69 -25.06
CA ASN D 229 24.76 20.81 -24.60
C ASN D 229 24.14 20.47 -23.22
N LEU D 230 25.00 20.03 -22.29
CA LEU D 230 24.62 19.73 -20.90
C LEU D 230 24.92 20.94 -20.05
N ILE D 231 23.93 21.47 -19.33
CA ILE D 231 24.12 22.63 -18.48
C ILE D 231 23.58 22.31 -17.09
N PHE D 232 24.48 22.27 -16.10
CA PHE D 232 24.17 22.05 -14.70
C PHE D 232 24.33 23.36 -13.94
N THR D 233 23.23 23.89 -13.37
CA THR D 233 23.24 25.15 -12.62
C THR D 233 22.74 24.89 -11.24
N ASN D 234 23.57 25.19 -10.22
CA ASN D 234 23.23 25.03 -8.82
C ASN D 234 22.64 23.60 -8.51
N CYS D 235 23.35 22.57 -8.98
CA CYS D 235 23.01 21.16 -8.70
C CYS D 235 24.04 20.69 -7.70
N ILE D 236 23.61 20.42 -6.46
CA ILE D 236 24.56 20.14 -5.37
C ILE D 236 24.23 18.88 -4.54
N THR D 237 25.25 18.40 -3.80
CA THR D 237 25.16 17.33 -2.81
C THR D 237 25.09 18.03 -1.42
N PRO D 238 24.75 17.35 -0.28
CA PRO D 238 24.62 18.06 1.02
C PRO D 238 25.80 18.95 1.46
N ASP D 239 27.03 18.66 1.01
CA ASP D 239 28.24 19.45 1.32
C ASP D 239 28.25 20.78 0.53
N GLY D 240 27.40 20.89 -0.50
CA GLY D 240 27.28 22.08 -1.33
C GLY D 240 28.13 22.04 -2.57
N LYS D 241 28.85 20.92 -2.80
CA LYS D 241 29.73 20.71 -3.96
C LYS D 241 28.89 20.53 -5.22
N ALA D 242 29.32 21.18 -6.32
CA ALA D 242 28.63 21.15 -7.61
C ALA D 242 28.55 19.75 -8.19
N VAL D 243 27.40 19.43 -8.80
CA VAL D 243 27.11 18.18 -9.50
C VAL D 243 27.04 18.55 -10.99
N SER D 244 27.95 17.99 -11.81
CA SER D 244 28.02 18.31 -13.24
C SER D 244 28.81 17.28 -14.01
N SER D 245 28.70 17.36 -15.34
CA SER D 245 29.43 16.58 -16.34
C SER D 245 29.45 17.39 -17.63
N ASP D 246 30.59 17.37 -18.33
CA ASP D 246 30.75 18.07 -19.60
C ASP D 246 29.99 17.34 -20.72
N GLN D 247 29.99 15.98 -20.65
CA GLN D 247 29.37 15.09 -21.63
C GLN D 247 28.59 13.96 -20.95
#